data_7WVV
#
_entry.id   7WVV
#
_cell.length_a   1.00
_cell.length_b   1.00
_cell.length_c   1.00
_cell.angle_alpha   90.00
_cell.angle_beta   90.00
_cell.angle_gamma   90.00
#
_symmetry.space_group_name_H-M   'P 1'
#
loop_
_entity.id
_entity.type
_entity.pdbx_description
1 polymer FME-LEU-PHE-ILE-ILE
2 polymer 'Soluble cytochrome b562,N-formyl peptide receptor 2'
3 polymer 'Guanine nucleotide-binding protein G(i) subunit alpha-2'
4 polymer 'Guanine nucleotide-binding protein G(I)/G(S)/G(T) subunit beta-1'
5 polymer 'Guanine nucleotide-binding protein G(I)/G(S)/G(O) subunit gamma-2'
#
loop_
_entity_poly.entity_id
_entity_poly.type
_entity_poly.pdbx_seq_one_letter_code
_entity_poly.pdbx_strand_id
1 'polypeptide(L)' (FME)LFII L
2 'polypeptide(L)'
;GAPADLEDNWETLNDNLKVIEKADNAAQVKDALTKMRAAALDAQKATPPKLEDKSPDSPEMKDFRHGFDILVGQIDDALK
LANEGKVKEAQAAAEQLKTTRNAYIQKYLGSGSENLYFQSETNFSTPLNEYEEVSYESAGYTVLRILPLVVLGVTFVLGV
LGNGLVIWVAGFRMTRTVTTICYLNLALADFSFTATLPFLIVSMAMGEKWPFGWFLCKLIHIVVDINLFGSVFLIGFIAL
DRCICVLHPVWAQNHRTVSLAMKVIVGPWILALVLTLPVFLFLTTVTIPNGDTYCTFNFASWGGTPEERLKVAITMLTAR
GIIRFVIGFLLPMSIVAICYGLIAAKIHKKGMIKSSRPLRVLTAVVASFFICWFPFQLVALLGTVWLKEMLFYGKYKIID
ILVNPTSSLAFFNSCLNPMLYVFVGQDFRERLIHSLPTSLERALSEDSAPTNDTAANSASPPAETEFLEVLFQGPGSWSH
PQFEKGSGAGASAGSWSHPQFEKGSDYKDDDDK
;
R
3 'polypeptide(L)'
;MGCTVSAEDKAAAERSKMIDKNLREDGEKAAREVKLLLLGAGESGKNTIVKQMKIIHEDGYSEEECRQYRAVVYSNTIQS
IMAIVKAMGNLQIDFADPSRADDARQLFALSCTAEEQGVLPDDLSGVIRRLWADHGVQACFGRSREYQLNDSAAYYLNDL
ERIAQSDYIPTQQDVLRTRVKTTGIVETHFTFKDLHFKMFDVGAQRSERKKWIHCFEGVTAIIFCVALSAYDLVLAEDEE
MNRMHASMKLFDSICNNKWFTDTSIILFLNKKDLFEEKITHSPLTICFPEYTGANKYDEAASYIQSKFEDLNKRKDTKEI
YTHFTCSTDTKNVQFVFDAVTDVIIKNNLKDCGLF
;
A
4 'polypeptide(L)'
;MHHHHHHGSLLQSELDQLRQEAEQLKNQIRDARKACADATLSQITNNIDPVGRIQMRTRRTLRGHLAKIYAMHWGTDSRL
LVSASQDGKLIIWDSYTTNKVHAIPLRSSWVMTCAYAPSGNYVACGGLDNICSIYNLKTREGNVRVSRELAGHTGYLSCC
RFLDDNQIVTSSGDTTCALWDIETGQQTTTFTGHTGDVMSLSLAPDTRLFVSGACDASAKLWDVREGMCRQTFTGHESDI
NAICFFPNGNAFATGSDDATCRLFDLRADQELMTYSHDNIICGITSVSFSKSGRLLLAGYDDFNCNVWDALKADRAGVLA
GHDNRVSCLGVTDDGMAVATGSWDSFLKIWN
;
B
5 'polypeptide(L)' MASNNTASIAQARKLVEQLKMEANIDRIKVSKAAADLMAYCEAHAKEDPLLTPVPASENPFREKKFFCAIL C
#
# COMPACT_ATOMS: atom_id res chain seq x y z
N LEU A 2 -34.84 -9.90 -20.56
CA LEU A 2 -35.90 -10.86 -20.26
C LEU A 2 -36.84 -11.03 -21.44
N PHE A 3 -37.15 -12.29 -21.77
CA PHE A 3 -38.09 -12.60 -22.85
C PHE A 3 -39.49 -12.57 -22.28
N ILE A 4 -40.13 -11.40 -22.36
CA ILE A 4 -41.49 -11.19 -21.88
C ILE A 4 -42.37 -10.90 -23.08
N ILE A 5 -43.43 -11.68 -23.23
CA ILE A 5 -44.34 -11.53 -24.36
C ILE A 5 -45.72 -11.12 -23.87
N SER B 138 -46.73 -34.23 -17.44
CA SER B 138 -45.66 -35.21 -17.56
C SER B 138 -44.65 -35.07 -16.43
N ALA B 139 -44.04 -36.19 -16.04
CA ALA B 139 -43.04 -36.16 -14.98
C ALA B 139 -41.82 -35.34 -15.39
N GLY B 140 -41.37 -35.49 -16.64
CA GLY B 140 -40.24 -34.72 -17.11
C GLY B 140 -40.53 -33.23 -17.19
N TYR B 141 -41.72 -32.87 -17.67
CA TYR B 141 -42.10 -31.47 -17.74
C TYR B 141 -42.22 -30.84 -16.36
N THR B 142 -42.76 -31.61 -15.40
CA THR B 142 -42.83 -31.10 -14.03
C THR B 142 -41.44 -30.83 -13.46
N VAL B 143 -40.50 -31.74 -13.70
CA VAL B 143 -39.13 -31.50 -13.28
C VAL B 143 -38.54 -30.31 -14.04
N LEU B 144 -38.83 -30.23 -15.35
CA LEU B 144 -38.32 -29.13 -16.16
C LEU B 144 -38.84 -27.78 -15.68
N ARG B 145 -39.99 -27.75 -15.01
CA ARG B 145 -40.52 -26.51 -14.46
C ARG B 145 -40.03 -26.25 -13.04
N ILE B 146 -39.88 -27.30 -12.24
CA ILE B 146 -39.44 -27.12 -10.86
C ILE B 146 -37.96 -26.73 -10.80
N LEU B 147 -37.14 -27.30 -11.68
CA LEU B 147 -35.71 -27.04 -11.63
C LEU B 147 -35.33 -25.57 -11.70
N PRO B 148 -35.92 -24.74 -12.59
CA PRO B 148 -35.55 -23.31 -12.57
C PRO B 148 -35.81 -22.64 -11.23
N LEU B 149 -36.81 -23.08 -10.47
CA LEU B 149 -37.06 -22.47 -9.17
C LEU B 149 -35.84 -22.62 -8.25
N VAL B 150 -35.33 -23.85 -8.11
CA VAL B 150 -34.18 -24.06 -7.25
C VAL B 150 -32.93 -23.45 -7.86
N VAL B 151 -32.83 -23.40 -9.20
CA VAL B 151 -31.68 -22.77 -9.83
C VAL B 151 -31.62 -21.29 -9.48
N LEU B 152 -32.74 -20.58 -9.62
CA LEU B 152 -32.77 -19.17 -9.21
C LEU B 152 -32.65 -19.01 -7.71
N GLY B 153 -33.10 -19.97 -6.91
CA GLY B 153 -32.91 -19.85 -5.47
C GLY B 153 -31.44 -19.88 -5.08
N VAL B 154 -30.71 -20.89 -5.56
CA VAL B 154 -29.28 -20.95 -5.28
C VAL B 154 -28.55 -19.79 -5.95
N THR B 155 -29.04 -19.35 -7.12
CA THR B 155 -28.48 -18.18 -7.77
C THR B 155 -28.60 -16.94 -6.89
N PHE B 156 -29.79 -16.72 -6.32
CA PHE B 156 -30.01 -15.57 -5.45
C PHE B 156 -29.11 -15.65 -4.23
N VAL B 157 -29.05 -16.82 -3.59
CA VAL B 157 -28.25 -16.94 -2.37
C VAL B 157 -26.78 -16.68 -2.68
N LEU B 158 -26.23 -17.35 -3.70
CA LEU B 158 -24.82 -17.19 -4.03
C LEU B 158 -24.51 -15.78 -4.49
N GLY B 159 -25.38 -15.20 -5.32
CA GLY B 159 -25.13 -13.85 -5.80
C GLY B 159 -25.13 -12.83 -4.69
N VAL B 160 -26.13 -12.89 -3.80
CA VAL B 160 -26.17 -11.94 -2.69
C VAL B 160 -24.94 -12.10 -1.81
N LEU B 161 -24.60 -13.33 -1.46
CA LEU B 161 -23.45 -13.55 -0.59
C LEU B 161 -22.16 -13.03 -1.24
N GLY B 162 -21.90 -13.44 -2.49
CA GLY B 162 -20.66 -13.05 -3.14
C GLY B 162 -20.57 -11.56 -3.39
N ASN B 163 -21.67 -10.95 -3.84
CA ASN B 163 -21.66 -9.52 -4.11
C ASN B 163 -21.51 -8.71 -2.83
N GLY B 164 -22.17 -9.12 -1.75
CA GLY B 164 -21.98 -8.43 -0.48
C GLY B 164 -20.54 -8.52 -0.01
N LEU B 165 -19.95 -9.72 -0.07
CA LEU B 165 -18.56 -9.87 0.34
C LEU B 165 -17.64 -9.03 -0.54
N VAL B 166 -17.86 -9.04 -1.86
CA VAL B 166 -16.99 -8.30 -2.77
C VAL B 166 -17.09 -6.81 -2.51
N ILE B 167 -18.31 -6.29 -2.35
CA ILE B 167 -18.48 -4.87 -2.08
C ILE B 167 -17.81 -4.49 -0.77
N TRP B 168 -18.09 -5.25 0.30
CA TRP B 168 -17.57 -4.90 1.62
C TRP B 168 -16.04 -4.97 1.65
N VAL B 169 -15.45 -5.91 0.90
CA VAL B 169 -14.00 -6.06 0.92
C VAL B 169 -13.34 -5.04 0.00
N ALA B 170 -13.65 -5.10 -1.29
CA ALA B 170 -12.93 -4.29 -2.27
C ALA B 170 -13.31 -2.82 -2.18
N GLY B 171 -14.60 -2.50 -2.05
CA GLY B 171 -15.02 -1.12 -2.10
C GLY B 171 -14.81 -0.33 -0.84
N PHE B 172 -14.38 -0.96 0.25
CA PHE B 172 -14.20 -0.28 1.53
C PHE B 172 -12.90 -0.59 2.24
N ARG B 173 -12.21 -1.68 1.92
CA ARG B 173 -11.04 -2.10 2.70
C ARG B 173 -9.77 -2.18 1.86
N MET B 174 -9.71 -1.51 0.72
CA MET B 174 -8.45 -1.35 0.00
C MET B 174 -8.57 -0.15 -0.94
N THR B 175 -7.43 0.25 -1.49
CA THR B 175 -7.36 1.43 -2.32
C THR B 175 -8.13 1.24 -3.62
N ARG B 176 -8.57 2.36 -4.20
CA ARG B 176 -9.32 2.35 -5.44
C ARG B 176 -8.40 2.07 -6.63
N THR B 177 -8.86 1.21 -7.53
CA THR B 177 -8.14 0.88 -8.74
C THR B 177 -9.14 0.74 -9.88
N VAL B 178 -8.64 0.90 -11.12
CA VAL B 178 -9.51 0.77 -12.28
C VAL B 178 -10.13 -0.63 -12.32
N THR B 179 -9.31 -1.66 -12.12
CA THR B 179 -9.84 -3.01 -11.99
C THR B 179 -10.75 -3.13 -10.78
N THR B 180 -10.38 -2.48 -9.67
CA THR B 180 -11.24 -2.46 -8.50
C THR B 180 -12.55 -1.74 -8.78
N ILE B 181 -12.50 -0.64 -9.53
CA ILE B 181 -13.72 0.09 -9.88
C ILE B 181 -14.62 -0.79 -10.73
N CYS B 182 -14.05 -1.51 -11.70
CA CYS B 182 -14.84 -2.43 -12.52
C CYS B 182 -15.45 -3.54 -11.67
N TYR B 183 -14.68 -4.06 -10.72
CA TYR B 183 -15.18 -5.14 -9.86
C TYR B 183 -16.34 -4.64 -9.00
N LEU B 184 -16.23 -3.43 -8.44
CA LEU B 184 -17.34 -2.87 -7.69
C LEU B 184 -18.56 -2.63 -8.57
N ASN B 185 -18.36 -2.16 -9.80
CA ASN B 185 -19.49 -1.96 -10.70
C ASN B 185 -20.20 -3.29 -10.98
N LEU B 186 -19.43 -4.33 -11.28
CA LEU B 186 -20.02 -5.64 -11.54
C LEU B 186 -20.73 -6.18 -10.31
N ALA B 187 -20.12 -6.03 -9.13
CA ALA B 187 -20.72 -6.52 -7.90
C ALA B 187 -22.01 -5.79 -7.59
N LEU B 188 -22.03 -4.47 -7.79
CA LEU B 188 -23.25 -3.70 -7.55
C LEU B 188 -24.35 -4.10 -8.52
N ALA B 189 -24.00 -4.29 -9.80
CA ALA B 189 -25.01 -4.71 -10.77
C ALA B 189 -25.59 -6.07 -10.40
N ASP B 190 -24.71 -7.03 -10.06
CA ASP B 190 -25.19 -8.36 -9.72
C ASP B 190 -26.00 -8.37 -8.44
N PHE B 191 -25.59 -7.58 -7.44
CA PHE B 191 -26.34 -7.51 -6.19
C PHE B 191 -27.71 -6.89 -6.40
N SER B 192 -27.78 -5.81 -7.18
CA SER B 192 -29.08 -5.20 -7.46
C SER B 192 -29.96 -6.12 -8.28
N PHE B 193 -29.35 -6.95 -9.14
CA PHE B 193 -30.14 -7.93 -9.89
C PHE B 193 -30.69 -9.02 -8.96
N THR B 194 -29.83 -9.59 -8.11
CA THR B 194 -30.25 -10.68 -7.24
C THR B 194 -31.12 -10.21 -6.08
N ALA B 195 -31.05 -8.92 -5.73
CA ALA B 195 -31.93 -8.41 -4.67
C ALA B 195 -33.38 -8.52 -5.08
N THR B 196 -33.68 -8.29 -6.36
CA THR B 196 -35.03 -8.40 -6.89
C THR B 196 -35.33 -9.78 -7.48
N LEU B 197 -34.37 -10.71 -7.39
CA LEU B 197 -34.59 -12.04 -7.93
C LEU B 197 -35.75 -12.80 -7.28
N PRO B 198 -35.94 -12.79 -5.95
CA PRO B 198 -37.05 -13.55 -5.37
C PRO B 198 -38.42 -13.16 -5.92
N PHE B 199 -38.60 -11.89 -6.32
CA PHE B 199 -39.86 -11.50 -6.95
C PHE B 199 -40.09 -12.26 -8.25
N LEU B 200 -39.05 -12.36 -9.09
CA LEU B 200 -39.17 -13.16 -10.31
C LEU B 200 -39.35 -14.63 -9.99
N ILE B 201 -38.71 -15.12 -8.92
CA ILE B 201 -38.85 -16.52 -8.52
C ILE B 201 -40.30 -16.83 -8.18
N VAL B 202 -40.92 -16.01 -7.34
CA VAL B 202 -42.30 -16.24 -6.96
C VAL B 202 -43.25 -15.91 -8.10
N SER B 203 -42.83 -15.08 -9.06
CA SER B 203 -43.67 -14.83 -10.24
C SER B 203 -43.74 -16.05 -11.13
N MET B 204 -42.59 -16.65 -11.44
CA MET B 204 -42.57 -17.84 -12.28
C MET B 204 -42.93 -19.11 -11.53
N ALA B 205 -43.01 -19.05 -10.19
CA ALA B 205 -43.49 -20.20 -9.43
C ALA B 205 -44.98 -20.46 -9.66
N MET B 206 -45.72 -19.46 -10.13
CA MET B 206 -47.16 -19.56 -10.34
C MET B 206 -47.54 -19.23 -11.77
N GLY B 207 -46.74 -19.70 -12.74
CA GLY B 207 -47.04 -19.50 -14.14
C GLY B 207 -47.00 -18.05 -14.60
N GLU B 208 -45.95 -17.33 -14.21
CA GLU B 208 -45.64 -15.96 -14.63
C GLU B 208 -46.64 -14.94 -14.09
N LYS B 209 -47.52 -15.33 -13.17
CA LYS B 209 -48.41 -14.36 -12.54
C LYS B 209 -47.62 -13.44 -11.63
N TRP B 210 -47.99 -12.16 -11.62
CA TRP B 210 -47.30 -11.20 -10.77
C TRP B 210 -48.20 -10.83 -9.59
N PRO B 211 -47.92 -11.34 -8.39
CA PRO B 211 -48.82 -11.07 -7.26
C PRO B 211 -48.83 -9.61 -6.81
N PHE B 212 -47.80 -8.84 -7.12
CA PHE B 212 -47.66 -7.49 -6.58
C PHE B 212 -48.34 -6.49 -7.51
N GLY B 213 -48.16 -5.20 -7.23
CA GLY B 213 -48.83 -4.15 -7.96
C GLY B 213 -48.11 -3.76 -9.25
N TRP B 214 -48.72 -2.79 -9.94
CA TRP B 214 -48.16 -2.32 -11.21
C TRP B 214 -46.83 -1.61 -11.00
N PHE B 215 -46.77 -0.72 -10.01
CA PHE B 215 -45.54 0.03 -9.77
C PHE B 215 -44.39 -0.89 -9.38
N LEU B 216 -44.67 -1.89 -8.54
CA LEU B 216 -43.62 -2.80 -8.13
C LEU B 216 -43.16 -3.67 -9.31
N CYS B 217 -44.09 -4.11 -10.15
CA CYS B 217 -43.68 -4.87 -11.34
C CYS B 217 -42.81 -4.02 -12.24
N LYS B 218 -43.19 -2.76 -12.47
CA LYS B 218 -42.39 -1.87 -13.30
C LYS B 218 -40.99 -1.70 -12.71
N LEU B 219 -40.92 -1.43 -11.40
CA LEU B 219 -39.63 -1.22 -10.76
C LEU B 219 -38.75 -2.46 -10.85
N ILE B 220 -39.31 -3.63 -10.54
CA ILE B 220 -38.51 -4.86 -10.53
C ILE B 220 -38.04 -5.20 -11.94
N HIS B 221 -38.92 -5.10 -12.93
CA HIS B 221 -38.52 -5.41 -14.31
C HIS B 221 -37.46 -4.45 -14.81
N ILE B 222 -37.63 -3.16 -14.53
CA ILE B 222 -36.65 -2.16 -14.95
C ILE B 222 -35.30 -2.43 -14.29
N VAL B 223 -35.30 -2.72 -12.99
CA VAL B 223 -34.05 -2.99 -12.28
C VAL B 223 -33.38 -4.23 -12.82
N VAL B 224 -34.15 -5.29 -13.08
CA VAL B 224 -33.57 -6.53 -13.58
C VAL B 224 -32.96 -6.31 -14.96
N ASP B 225 -33.69 -5.65 -15.86
CA ASP B 225 -33.17 -5.41 -17.21
C ASP B 225 -31.92 -4.53 -17.18
N ILE B 226 -31.96 -3.46 -16.38
CA ILE B 226 -30.80 -2.56 -16.28
C ILE B 226 -29.60 -3.31 -15.74
N ASN B 227 -29.80 -4.11 -14.69
CA ASN B 227 -28.70 -4.85 -14.09
C ASN B 227 -28.13 -5.88 -15.05
N LEU B 228 -28.98 -6.59 -15.80
CA LEU B 228 -28.48 -7.58 -16.73
C LEU B 228 -27.68 -6.94 -17.86
N PHE B 229 -28.24 -5.88 -18.46
CA PHE B 229 -27.51 -5.18 -19.52
C PHE B 229 -26.20 -4.60 -19.00
N GLY B 230 -26.24 -4.01 -17.80
CA GLY B 230 -25.02 -3.45 -17.23
C GLY B 230 -23.98 -4.50 -16.91
N SER B 231 -24.42 -5.66 -16.42
CA SER B 231 -23.48 -6.73 -16.11
C SER B 231 -22.81 -7.25 -17.38
N VAL B 232 -23.58 -7.44 -18.45
CA VAL B 232 -22.98 -7.89 -19.70
C VAL B 232 -22.02 -6.84 -20.25
N PHE B 233 -22.42 -5.56 -20.21
CA PHE B 233 -21.55 -4.49 -20.67
C PHE B 233 -20.28 -4.39 -19.82
N LEU B 234 -20.39 -4.65 -18.51
CA LEU B 234 -19.23 -4.61 -17.64
C LEU B 234 -18.29 -5.77 -17.90
N ILE B 235 -18.84 -6.94 -18.22
CA ILE B 235 -18.00 -8.07 -18.63
C ILE B 235 -17.23 -7.70 -19.89
N GLY B 236 -17.93 -7.14 -20.88
CA GLY B 236 -17.25 -6.71 -22.10
C GLY B 236 -16.21 -5.63 -21.83
N PHE B 237 -16.51 -4.70 -20.93
CA PHE B 237 -15.57 -3.62 -20.62
C PHE B 237 -14.34 -4.15 -19.91
N ILE B 238 -14.51 -5.11 -18.99
CA ILE B 238 -13.36 -5.70 -18.32
C ILE B 238 -12.49 -6.45 -19.33
N ALA B 239 -13.13 -7.16 -20.27
CA ALA B 239 -12.37 -7.81 -21.33
C ALA B 239 -11.57 -6.79 -22.13
N LEU B 240 -12.21 -5.68 -22.50
CA LEU B 240 -11.53 -4.65 -23.28
C LEU B 240 -10.40 -4.01 -22.50
N ASP B 241 -10.62 -3.75 -21.21
CA ASP B 241 -9.58 -3.14 -20.38
C ASP B 241 -8.38 -4.05 -20.23
N ARG B 242 -8.62 -5.35 -20.01
CA ARG B 242 -7.51 -6.30 -19.92
C ARG B 242 -6.78 -6.40 -21.25
N CYS B 243 -7.52 -6.38 -22.37
CA CYS B 243 -6.88 -6.39 -23.68
C CYS B 243 -6.00 -5.16 -23.89
N ILE B 244 -6.49 -3.99 -23.46
CA ILE B 244 -5.69 -2.77 -23.59
C ILE B 244 -4.45 -2.86 -22.72
N CYS B 245 -4.60 -3.36 -21.49
CA CYS B 245 -3.46 -3.46 -20.58
C CYS B 245 -2.42 -4.44 -21.09
N VAL B 246 -2.85 -5.49 -21.79
CA VAL B 246 -1.90 -6.50 -22.28
C VAL B 246 -1.24 -6.03 -23.58
N LEU B 247 -2.06 -5.70 -24.59
CA LEU B 247 -1.52 -5.36 -25.90
C LEU B 247 -0.69 -4.08 -25.85
N HIS B 248 -1.18 -3.06 -25.15
CA HIS B 248 -0.52 -1.75 -25.09
C HIS B 248 -0.37 -1.36 -23.63
N PRO B 249 0.62 -1.92 -22.94
CA PRO B 249 0.82 -1.57 -21.52
C PRO B 249 1.20 -0.12 -21.30
N VAL B 250 1.81 0.54 -22.29
CA VAL B 250 2.19 1.94 -22.14
C VAL B 250 0.95 2.81 -21.99
N TRP B 251 -0.06 2.58 -22.83
CA TRP B 251 -1.29 3.37 -22.74
C TRP B 251 -1.98 3.16 -21.40
N ALA B 252 -2.02 1.91 -20.91
CA ALA B 252 -2.61 1.64 -19.61
C ALA B 252 -1.82 2.31 -18.49
N GLN B 253 -0.49 2.32 -18.60
CA GLN B 253 0.33 2.96 -17.59
C GLN B 253 0.09 4.48 -17.57
N ASN B 254 -0.04 5.09 -18.74
CA ASN B 254 -0.12 6.55 -18.82
C ASN B 254 -1.56 7.06 -18.85
N HIS B 255 -2.37 6.59 -19.79
CA HIS B 255 -3.66 7.18 -20.10
C HIS B 255 -4.84 6.49 -19.42
N ARG B 256 -4.58 5.58 -18.48
CA ARG B 256 -5.63 4.89 -17.74
C ARG B 256 -5.64 5.43 -16.31
N THR B 257 -6.57 6.33 -16.02
CA THR B 257 -6.67 6.97 -14.72
C THR B 257 -8.02 6.66 -14.08
N VAL B 258 -8.18 7.08 -12.83
CA VAL B 258 -9.37 6.75 -12.07
C VAL B 258 -10.59 7.51 -12.59
N SER B 259 -10.44 8.81 -12.86
CA SER B 259 -11.57 9.61 -13.31
C SER B 259 -12.05 9.16 -14.69
N LEU B 260 -11.11 8.93 -15.62
CA LEU B 260 -11.48 8.40 -16.93
C LEU B 260 -12.15 7.04 -16.79
N ALA B 261 -11.67 6.22 -15.86
CA ALA B 261 -12.29 4.93 -15.62
C ALA B 261 -13.73 5.10 -15.14
N MET B 262 -13.98 6.05 -14.25
CA MET B 262 -15.35 6.29 -13.78
C MET B 262 -16.24 6.76 -14.93
N LYS B 263 -15.75 7.67 -15.77
CA LYS B 263 -16.56 8.14 -16.89
C LYS B 263 -16.89 7.00 -17.86
N VAL B 264 -15.88 6.24 -18.26
CA VAL B 264 -16.08 5.15 -19.22
C VAL B 264 -16.67 3.90 -18.57
N ILE B 265 -16.91 3.91 -17.26
CA ILE B 265 -17.58 2.81 -16.60
C ILE B 265 -19.04 3.19 -16.38
N VAL B 266 -19.31 4.50 -16.28
CA VAL B 266 -20.70 4.94 -16.16
C VAL B 266 -21.35 5.10 -17.52
N GLY B 267 -20.56 5.21 -18.60
CA GLY B 267 -21.10 5.20 -19.93
C GLY B 267 -21.91 3.95 -20.27
N PRO B 268 -21.38 2.77 -19.96
CA PRO B 268 -22.18 1.54 -20.15
C PRO B 268 -23.48 1.53 -19.37
N TRP B 269 -23.52 2.16 -18.20
CA TRP B 269 -24.80 2.28 -17.48
C TRP B 269 -25.79 3.13 -18.27
N ILE B 270 -25.30 4.20 -18.91
CA ILE B 270 -26.17 5.00 -19.77
C ILE B 270 -26.68 4.17 -20.94
N LEU B 271 -25.81 3.35 -21.52
CA LEU B 271 -26.24 2.47 -22.61
C LEU B 271 -27.30 1.48 -22.13
N ALA B 272 -27.12 0.93 -20.92
CA ALA B 272 -28.10 0.00 -20.37
C ALA B 272 -29.44 0.69 -20.14
N LEU B 273 -29.42 1.92 -19.64
CA LEU B 273 -30.67 2.67 -19.47
C LEU B 273 -31.34 2.94 -20.82
N VAL B 274 -30.54 3.27 -21.84
CA VAL B 274 -31.09 3.50 -23.17
C VAL B 274 -31.77 2.24 -23.69
N LEU B 275 -31.12 1.08 -23.51
CA LEU B 275 -31.71 -0.17 -23.99
C LEU B 275 -32.92 -0.59 -23.14
N THR B 276 -32.97 -0.16 -21.87
CA THR B 276 -34.10 -0.47 -21.00
C THR B 276 -35.26 0.49 -21.17
N LEU B 277 -35.04 1.61 -21.88
CA LEU B 277 -36.11 2.57 -22.12
C LEU B 277 -37.41 1.96 -22.64
N PRO B 278 -37.42 0.99 -23.57
CA PRO B 278 -38.69 0.35 -23.91
C PRO B 278 -39.38 -0.30 -22.72
N VAL B 279 -38.62 -0.87 -21.79
CA VAL B 279 -39.23 -1.39 -20.56
C VAL B 279 -39.78 -0.25 -19.72
N PHE B 280 -39.11 0.91 -19.73
CA PHE B 280 -39.65 2.09 -19.04
C PHE B 280 -41.00 2.48 -19.61
N LEU B 281 -41.14 2.47 -20.93
CA LEU B 281 -42.32 3.01 -21.58
C LEU B 281 -43.40 1.95 -21.84
N PHE B 282 -43.05 0.90 -22.58
CA PHE B 282 -44.03 -0.01 -23.16
C PHE B 282 -44.42 -1.15 -22.22
N LEU B 283 -44.23 -0.98 -20.91
CA LEU B 283 -44.57 -2.03 -19.94
C LEU B 283 -45.68 -1.51 -19.03
N THR B 284 -46.79 -2.24 -18.98
CA THR B 284 -47.90 -1.95 -18.08
C THR B 284 -48.48 -3.27 -17.57
N THR B 285 -49.26 -3.16 -16.50
CA THR B 285 -49.91 -4.35 -15.94
C THR B 285 -51.20 -4.65 -16.70
N VAL B 286 -51.35 -5.91 -17.12
CA VAL B 286 -52.50 -6.37 -17.87
C VAL B 286 -53.17 -7.49 -17.08
N THR B 287 -54.49 -7.38 -16.90
CA THR B 287 -55.27 -8.38 -16.19
C THR B 287 -56.18 -9.10 -17.17
N ILE B 288 -56.08 -10.43 -17.20
CA ILE B 288 -56.89 -11.25 -18.10
C ILE B 288 -58.30 -11.35 -17.52
N PRO B 289 -59.31 -11.66 -18.35
CA PRO B 289 -60.68 -11.76 -17.80
C PRO B 289 -60.84 -12.80 -16.71
N ASN B 290 -60.01 -13.86 -16.72
CA ASN B 290 -60.11 -14.91 -15.72
C ASN B 290 -59.72 -14.44 -14.32
N GLY B 291 -59.11 -13.26 -14.20
CA GLY B 291 -58.70 -12.72 -12.92
C GLY B 291 -57.21 -12.72 -12.69
N ASP B 292 -56.47 -13.56 -13.39
CA ASP B 292 -55.02 -13.57 -13.27
C ASP B 292 -54.43 -12.31 -13.92
N THR B 293 -53.35 -11.81 -13.33
CA THR B 293 -52.68 -10.61 -13.81
C THR B 293 -51.28 -10.95 -14.30
N TYR B 294 -50.94 -10.41 -15.48
CA TYR B 294 -49.60 -10.55 -16.05
C TYR B 294 -49.18 -9.19 -16.57
N CYS B 295 -48.17 -8.59 -15.95
CA CYS B 295 -47.68 -7.27 -16.35
C CYS B 295 -46.67 -7.45 -17.47
N THR B 296 -47.17 -7.47 -18.70
CA THR B 296 -46.35 -7.61 -19.90
C THR B 296 -46.55 -6.38 -20.79
N PHE B 297 -45.99 -6.43 -21.99
CA PHE B 297 -46.06 -5.30 -22.91
C PHE B 297 -47.47 -5.13 -23.44
N ASN B 298 -48.05 -3.95 -23.23
CA ASN B 298 -49.38 -3.62 -23.70
C ASN B 298 -49.31 -2.44 -24.68
N PHE B 299 -50.24 -2.43 -25.64
CA PHE B 299 -50.16 -1.47 -26.74
C PHE B 299 -51.50 -0.82 -27.05
N ALA B 300 -52.48 -0.91 -26.15
CA ALA B 300 -53.79 -0.32 -26.40
C ALA B 300 -53.71 1.20 -26.51
N SER B 301 -52.92 1.83 -25.64
CA SER B 301 -52.86 3.29 -25.63
C SER B 301 -52.12 3.83 -26.85
N TRP B 302 -51.00 3.19 -27.22
CA TRP B 302 -50.17 3.72 -28.30
C TRP B 302 -50.85 3.57 -29.67
N GLY B 303 -51.49 2.44 -29.91
CA GLY B 303 -52.04 2.16 -31.22
C GLY B 303 -53.43 2.74 -31.45
N GLY B 304 -54.39 2.35 -30.61
CA GLY B 304 -55.76 2.79 -30.76
C GLY B 304 -56.56 2.05 -31.82
N THR B 305 -55.93 1.16 -32.60
CA THR B 305 -56.60 0.38 -33.62
C THR B 305 -56.03 -1.04 -33.49
N PRO B 306 -56.88 -2.06 -33.42
CA PRO B 306 -56.36 -3.43 -33.19
C PRO B 306 -55.31 -3.86 -34.21
N GLU B 307 -55.52 -3.56 -35.49
CA GLU B 307 -54.51 -3.89 -36.50
C GLU B 307 -53.25 -3.07 -36.30
N GLU B 308 -53.41 -1.76 -36.11
CA GLU B 308 -52.26 -0.90 -35.87
C GLU B 308 -51.56 -1.26 -34.57
N ARG B 309 -52.33 -1.56 -33.52
CA ARG B 309 -51.73 -1.96 -32.25
C ARG B 309 -50.95 -3.25 -32.40
N LEU B 310 -51.50 -4.23 -33.12
CA LEU B 310 -50.77 -5.48 -33.34
C LEU B 310 -49.50 -5.26 -34.15
N LYS B 311 -49.57 -4.40 -35.18
CA LYS B 311 -48.38 -4.12 -35.97
C LYS B 311 -47.30 -3.45 -35.13
N VAL B 312 -47.69 -2.46 -34.32
CA VAL B 312 -46.71 -1.79 -33.46
C VAL B 312 -46.13 -2.77 -32.46
N ALA B 313 -46.96 -3.63 -31.88
CA ALA B 313 -46.48 -4.63 -30.93
C ALA B 313 -45.44 -5.54 -31.58
N ILE B 314 -45.76 -6.07 -32.76
CA ILE B 314 -44.86 -7.03 -33.39
C ILE B 314 -43.56 -6.36 -33.83
N THR B 315 -43.65 -5.12 -34.33
CA THR B 315 -42.42 -4.46 -34.78
C THR B 315 -41.54 -4.06 -33.60
N MET B 316 -42.15 -3.62 -32.50
CA MET B 316 -41.33 -3.26 -31.33
C MET B 316 -40.71 -4.51 -30.73
N LEU B 317 -41.45 -5.62 -30.68
CA LEU B 317 -40.89 -6.86 -30.15
C LEU B 317 -39.75 -7.36 -31.03
N THR B 318 -39.91 -7.28 -32.35
CA THR B 318 -38.82 -7.67 -33.25
C THR B 318 -37.61 -6.78 -33.06
N ALA B 319 -37.81 -5.46 -32.94
CA ALA B 319 -36.70 -4.55 -32.71
C ALA B 319 -36.01 -4.85 -31.39
N ARG B 320 -36.78 -5.11 -30.34
CA ARG B 320 -36.19 -5.44 -29.04
C ARG B 320 -35.39 -6.72 -29.10
N GLY B 321 -35.91 -7.74 -29.79
CA GLY B 321 -35.17 -8.98 -29.94
C GLY B 321 -33.88 -8.80 -30.72
N ILE B 322 -33.93 -8.02 -31.81
CA ILE B 322 -32.73 -7.76 -32.59
C ILE B 322 -31.70 -7.00 -31.76
N ILE B 323 -32.15 -5.99 -31.02
CA ILE B 323 -31.25 -5.21 -30.17
C ILE B 323 -30.62 -6.10 -29.10
N ARG B 324 -31.43 -6.94 -28.45
CA ARG B 324 -30.90 -7.83 -27.44
C ARG B 324 -29.84 -8.76 -28.04
N PHE B 325 -30.16 -9.38 -29.18
CA PHE B 325 -29.22 -10.31 -29.79
C PHE B 325 -27.91 -9.62 -30.17
N VAL B 326 -28.01 -8.44 -30.80
CA VAL B 326 -26.82 -7.79 -31.32
C VAL B 326 -26.01 -7.14 -30.20
N ILE B 327 -26.60 -6.15 -29.53
CA ILE B 327 -25.86 -5.41 -28.51
C ILE B 327 -25.62 -6.27 -27.27
N GLY B 328 -26.64 -7.01 -26.83
CA GLY B 328 -26.50 -7.80 -25.63
C GLY B 328 -25.54 -8.97 -25.78
N PHE B 329 -25.55 -9.63 -26.93
CA PHE B 329 -24.77 -10.84 -27.12
C PHE B 329 -23.63 -10.68 -28.13
N LEU B 330 -23.93 -10.29 -29.37
CA LEU B 330 -22.89 -10.24 -30.38
C LEU B 330 -21.82 -9.20 -30.05
N LEU B 331 -22.23 -8.04 -29.54
CA LEU B 331 -21.24 -7.01 -29.20
C LEU B 331 -20.28 -7.44 -28.10
N PRO B 332 -20.73 -7.95 -26.94
CA PRO B 332 -19.76 -8.33 -25.90
C PRO B 332 -19.04 -9.64 -26.18
N MET B 333 -19.76 -10.63 -26.71
CA MET B 333 -19.14 -11.92 -26.97
C MET B 333 -18.02 -11.80 -27.99
N SER B 334 -18.23 -11.00 -29.05
CA SER B 334 -17.13 -10.71 -29.96
C SER B 334 -16.01 -9.98 -29.25
N ILE B 335 -16.35 -9.03 -28.36
CA ILE B 335 -15.34 -8.33 -27.59
C ILE B 335 -14.62 -9.29 -26.65
N VAL B 336 -15.39 -10.09 -25.89
CA VAL B 336 -14.78 -10.98 -24.91
C VAL B 336 -13.90 -12.03 -25.59
N ALA B 337 -14.39 -12.62 -26.68
CA ALA B 337 -13.60 -13.63 -27.38
C ALA B 337 -12.33 -13.04 -27.99
N ILE B 338 -12.45 -11.87 -28.62
CA ILE B 338 -11.28 -11.25 -29.24
C ILE B 338 -10.31 -10.76 -28.17
N CYS B 339 -10.83 -10.07 -27.15
CA CYS B 339 -9.95 -9.49 -26.13
C CYS B 339 -9.20 -10.57 -25.36
N TYR B 340 -9.93 -11.57 -24.86
CA TYR B 340 -9.27 -12.66 -24.15
C TYR B 340 -8.44 -13.52 -25.11
N GLY B 341 -8.84 -13.60 -26.37
CA GLY B 341 -8.03 -14.32 -27.35
C GLY B 341 -6.70 -13.64 -27.62
N LEU B 342 -6.71 -12.31 -27.72
CA LEU B 342 -5.47 -11.58 -27.94
C LEU B 342 -4.56 -11.64 -26.72
N ILE B 343 -5.15 -11.64 -25.51
CA ILE B 343 -4.35 -11.80 -24.31
C ILE B 343 -3.69 -13.16 -24.28
N ALA B 344 -4.44 -14.21 -24.62
CA ALA B 344 -3.86 -15.55 -24.69
C ALA B 344 -2.80 -15.63 -25.78
N ALA B 345 -3.05 -15.00 -26.93
CA ALA B 345 -2.07 -15.01 -28.01
C ALA B 345 -0.80 -14.28 -27.61
N LYS B 346 -0.92 -13.12 -26.96
CA LYS B 346 0.26 -12.36 -26.56
C LYS B 346 1.02 -13.05 -25.43
N ILE B 347 0.29 -13.61 -24.46
CA ILE B 347 0.96 -14.28 -23.35
C ILE B 347 1.67 -15.55 -23.83
N HIS B 348 1.14 -16.20 -24.87
CA HIS B 348 1.82 -17.36 -25.42
C HIS B 348 3.04 -16.95 -26.24
N LYS B 349 2.91 -15.90 -27.04
CA LYS B 349 4.02 -15.45 -27.85
C LYS B 349 5.17 -14.91 -27.01
N LYS B 350 4.86 -14.12 -25.98
CA LYS B 350 5.88 -13.54 -25.13
C LYS B 350 6.29 -14.45 -23.97
N GLY B 351 5.60 -15.57 -23.78
CA GLY B 351 6.03 -16.57 -22.83
C GLY B 351 5.98 -16.19 -21.36
N MET B 352 4.90 -15.57 -20.91
CA MET B 352 4.68 -15.36 -19.48
C MET B 352 3.94 -16.51 -18.83
N ILE B 353 3.65 -17.59 -19.56
CA ILE B 353 2.89 -18.70 -19.03
C ILE B 353 3.81 -19.61 -18.23
N LYS B 354 3.91 -19.35 -16.92
CA LYS B 354 4.66 -20.20 -16.01
C LYS B 354 3.78 -21.23 -15.32
N SER B 355 2.48 -21.21 -15.56
CA SER B 355 1.56 -22.17 -14.97
C SER B 355 0.31 -22.22 -15.82
N SER B 356 -0.49 -23.27 -15.60
CA SER B 356 -1.74 -23.45 -16.34
C SER B 356 -2.87 -22.59 -15.80
N ARG B 357 -2.69 -21.99 -14.62
CA ARG B 357 -3.78 -21.21 -14.02
C ARG B 357 -4.25 -20.05 -14.88
N PRO B 358 -3.40 -19.23 -15.49
CA PRO B 358 -3.93 -18.15 -16.36
C PRO B 358 -4.79 -18.66 -17.50
N LEU B 359 -4.34 -19.69 -18.21
CA LEU B 359 -5.12 -20.24 -19.31
C LEU B 359 -6.44 -20.82 -18.81
N ARG B 360 -6.40 -21.48 -17.65
CA ARG B 360 -7.63 -22.01 -17.06
C ARG B 360 -8.61 -20.89 -16.73
N VAL B 361 -8.11 -19.78 -16.19
CA VAL B 361 -8.98 -18.65 -15.86
C VAL B 361 -9.60 -18.07 -17.13
N LEU B 362 -8.78 -17.88 -18.17
CA LEU B 362 -9.30 -17.32 -19.41
C LEU B 362 -10.37 -18.22 -20.03
N THR B 363 -10.07 -19.52 -20.14
CA THR B 363 -11.03 -20.43 -20.74
C THR B 363 -12.27 -20.58 -19.86
N ALA B 364 -12.12 -20.48 -18.54
CA ALA B 364 -13.28 -20.52 -17.66
C ALA B 364 -14.19 -19.31 -17.90
N VAL B 365 -13.60 -18.12 -18.00
CA VAL B 365 -14.40 -16.93 -18.26
C VAL B 365 -15.14 -17.07 -19.59
N VAL B 366 -14.42 -17.43 -20.65
CA VAL B 366 -15.02 -17.48 -21.98
C VAL B 366 -16.10 -18.56 -22.03
N ALA B 367 -15.78 -19.76 -21.52
CA ALA B 367 -16.72 -20.86 -21.57
C ALA B 367 -17.96 -20.59 -20.72
N SER B 368 -17.78 -20.03 -19.53
CA SER B 368 -18.93 -19.70 -18.70
C SER B 368 -19.84 -18.70 -19.39
N PHE B 369 -19.25 -17.60 -19.87
CA PHE B 369 -20.07 -16.58 -20.53
C PHE B 369 -20.80 -17.16 -21.73
N PHE B 370 -20.12 -17.96 -22.55
CA PHE B 370 -20.76 -18.55 -23.72
C PHE B 370 -21.88 -19.50 -23.32
N ILE B 371 -21.53 -20.58 -22.59
CA ILE B 371 -22.51 -21.62 -22.30
C ILE B 371 -23.67 -21.08 -21.48
N CYS B 372 -23.52 -19.93 -20.84
CA CYS B 372 -24.66 -19.38 -20.10
C CYS B 372 -25.51 -18.43 -20.94
N TRP B 373 -24.88 -17.48 -21.66
CA TRP B 373 -25.67 -16.49 -22.37
C TRP B 373 -26.12 -16.94 -23.75
N PHE B 374 -25.30 -17.72 -24.46
CA PHE B 374 -25.67 -18.16 -25.81
C PHE B 374 -26.98 -18.92 -25.85
N PRO B 375 -27.27 -19.89 -24.96
CA PRO B 375 -28.60 -20.52 -25.02
C PRO B 375 -29.74 -19.54 -24.83
N PHE B 376 -29.60 -18.58 -23.90
CA PHE B 376 -30.69 -17.65 -23.63
C PHE B 376 -30.92 -16.73 -24.82
N GLN B 377 -29.85 -16.17 -25.37
CA GLN B 377 -29.99 -15.28 -26.52
C GLN B 377 -30.47 -16.03 -27.75
N LEU B 378 -30.04 -17.29 -27.92
CA LEU B 378 -30.52 -18.09 -29.04
C LEU B 378 -32.01 -18.37 -28.92
N VAL B 379 -32.47 -18.72 -27.71
CA VAL B 379 -33.89 -18.96 -27.51
C VAL B 379 -34.68 -17.69 -27.74
N ALA B 380 -34.18 -16.56 -27.25
CA ALA B 380 -34.87 -15.28 -27.46
C ALA B 380 -34.96 -14.94 -28.94
N LEU B 381 -33.87 -15.14 -29.68
CA LEU B 381 -33.87 -14.86 -31.12
C LEU B 381 -34.84 -15.77 -31.85
N LEU B 382 -34.85 -17.06 -31.51
CA LEU B 382 -35.79 -17.99 -32.14
C LEU B 382 -37.22 -17.60 -31.84
N GLY B 383 -37.50 -17.16 -30.61
CA GLY B 383 -38.84 -16.71 -30.27
C GLY B 383 -39.24 -15.45 -31.03
N THR B 384 -38.31 -14.50 -31.17
CA THR B 384 -38.64 -13.24 -31.82
C THR B 384 -38.83 -13.43 -33.32
N VAL B 385 -37.99 -14.24 -33.97
CA VAL B 385 -38.13 -14.44 -35.40
C VAL B 385 -39.43 -15.19 -35.71
N TRP B 386 -39.84 -16.10 -34.84
CA TRP B 386 -41.08 -16.85 -35.01
C TRP B 386 -42.20 -16.32 -34.11
N LEU B 387 -42.12 -15.04 -33.73
CA LEU B 387 -43.11 -14.49 -32.80
C LEU B 387 -44.48 -14.34 -33.45
N LYS B 388 -44.51 -14.08 -34.77
CA LYS B 388 -45.80 -13.97 -35.45
C LYS B 388 -46.58 -15.28 -35.37
N GLU B 389 -45.89 -16.41 -35.60
CA GLU B 389 -46.55 -17.71 -35.50
C GLU B 389 -46.99 -17.99 -34.06
N MET B 390 -46.14 -17.64 -33.08
CA MET B 390 -46.49 -17.91 -31.69
C MET B 390 -47.71 -17.10 -31.26
N LEU B 391 -47.77 -15.84 -31.66
CA LEU B 391 -48.91 -14.99 -31.25
C LEU B 391 -50.17 -15.35 -32.02
N PHE B 392 -50.03 -15.68 -33.31
CA PHE B 392 -51.20 -15.98 -34.13
C PHE B 392 -51.70 -17.40 -33.89
N TYR B 393 -50.82 -18.39 -34.06
CA TYR B 393 -51.18 -19.79 -33.94
C TYR B 393 -50.48 -20.47 -32.76
N GLY B 394 -49.16 -20.40 -32.70
CA GLY B 394 -48.42 -21.06 -31.65
C GLY B 394 -47.80 -22.36 -32.09
N LYS B 395 -47.22 -22.37 -33.30
CA LYS B 395 -46.62 -23.59 -33.83
C LYS B 395 -45.41 -24.01 -33.00
N TYR B 396 -44.59 -23.05 -32.58
CA TYR B 396 -43.36 -23.34 -31.84
C TYR B 396 -43.63 -23.02 -30.36
N LYS B 397 -44.16 -24.00 -29.64
CA LYS B 397 -44.40 -23.86 -28.21
C LYS B 397 -43.23 -24.29 -27.35
N ILE B 398 -42.18 -24.86 -27.96
CA ILE B 398 -41.01 -25.30 -27.19
C ILE B 398 -40.27 -24.09 -26.62
N ILE B 399 -40.30 -22.95 -27.31
CA ILE B 399 -39.60 -21.76 -26.83
C ILE B 399 -40.21 -21.26 -25.53
N ASP B 400 -41.54 -21.34 -25.41
CA ASP B 400 -42.21 -20.82 -24.21
C ASP B 400 -41.74 -21.54 -22.96
N ILE B 401 -41.57 -22.87 -23.04
CA ILE B 401 -41.08 -23.63 -21.90
C ILE B 401 -39.56 -23.69 -21.83
N LEU B 402 -38.86 -23.30 -22.90
CA LEU B 402 -37.40 -23.31 -22.90
C LEU B 402 -36.79 -21.99 -22.45
N VAL B 403 -37.58 -20.90 -22.41
CA VAL B 403 -37.06 -19.64 -21.93
C VAL B 403 -36.61 -19.74 -20.47
N ASN B 404 -37.41 -20.41 -19.64
CA ASN B 404 -37.12 -20.43 -18.20
C ASN B 404 -35.78 -21.06 -17.86
N PRO B 405 -35.42 -22.26 -18.35
CA PRO B 405 -34.08 -22.79 -18.03
C PRO B 405 -32.94 -21.92 -18.55
N THR B 406 -33.11 -21.32 -19.73
CA THR B 406 -32.06 -20.45 -20.27
C THR B 406 -31.90 -19.19 -19.43
N SER B 407 -33.02 -18.60 -19.00
CA SER B 407 -32.95 -17.45 -18.10
C SER B 407 -32.31 -17.85 -16.77
N SER B 408 -32.62 -19.04 -16.28
CA SER B 408 -32.00 -19.53 -15.04
C SER B 408 -30.49 -19.64 -15.21
N LEU B 409 -30.03 -20.16 -16.35
CA LEU B 409 -28.60 -20.29 -16.58
C LEU B 409 -27.93 -18.92 -16.72
N ALA B 410 -28.60 -17.97 -17.37
CA ALA B 410 -28.06 -16.61 -17.45
C ALA B 410 -27.93 -15.98 -16.07
N PHE B 411 -28.94 -16.18 -15.22
CA PHE B 411 -28.88 -15.66 -13.86
C PHE B 411 -27.76 -16.35 -13.07
N PHE B 412 -27.56 -17.65 -13.31
CA PHE B 412 -26.45 -18.34 -12.67
C PHE B 412 -25.12 -17.75 -13.10
N ASN B 413 -24.99 -17.38 -14.37
CA ASN B 413 -23.79 -16.68 -14.83
C ASN B 413 -23.63 -15.37 -14.08
N SER B 414 -24.73 -14.62 -13.93
CA SER B 414 -24.67 -13.34 -13.23
C SER B 414 -24.20 -13.54 -11.78
N CYS B 415 -24.68 -14.59 -11.12
CA CYS B 415 -24.31 -14.80 -9.73
C CYS B 415 -22.90 -15.36 -9.59
N LEU B 416 -22.42 -16.12 -10.57
CA LEU B 416 -21.06 -16.65 -10.50
C LEU B 416 -20.01 -15.66 -10.99
N ASN B 417 -20.43 -14.57 -11.62
CA ASN B 417 -19.47 -13.54 -12.03
C ASN B 417 -18.57 -13.05 -10.91
N PRO B 418 -19.07 -12.75 -9.69
CA PRO B 418 -18.14 -12.35 -8.62
C PRO B 418 -17.08 -13.40 -8.30
N MET B 419 -17.45 -14.68 -8.30
CA MET B 419 -16.47 -15.72 -8.02
C MET B 419 -15.47 -15.86 -9.16
N LEU B 420 -15.94 -15.77 -10.40
CA LEU B 420 -15.09 -16.01 -11.56
C LEU B 420 -14.16 -14.84 -11.86
N TYR B 421 -14.59 -13.61 -11.58
CA TYR B 421 -13.83 -12.42 -11.92
C TYR B 421 -13.05 -11.82 -10.76
N VAL B 422 -13.63 -11.81 -9.56
CA VAL B 422 -13.07 -11.09 -8.43
C VAL B 422 -12.28 -12.00 -7.50
N PHE B 423 -12.82 -13.18 -7.18
CA PHE B 423 -12.18 -14.07 -6.22
C PHE B 423 -10.91 -14.71 -6.76
N VAL B 424 -10.65 -14.63 -8.07
CA VAL B 424 -9.43 -15.21 -8.61
C VAL B 424 -8.19 -14.50 -8.11
N GLY B 425 -8.27 -13.18 -7.90
CA GLY B 425 -7.10 -12.43 -7.47
C GLY B 425 -6.62 -12.85 -6.10
N GLN B 426 -5.30 -12.82 -5.92
CA GLN B 426 -4.70 -13.22 -4.65
C GLN B 426 -4.86 -12.12 -3.59
N ASP B 427 -4.78 -10.86 -4.01
CA ASP B 427 -4.91 -9.76 -3.05
C ASP B 427 -6.29 -9.74 -2.41
N PHE B 428 -7.34 -9.96 -3.22
CA PHE B 428 -8.69 -9.98 -2.67
C PHE B 428 -8.88 -11.14 -1.71
N ARG B 429 -8.35 -12.32 -2.06
CA ARG B 429 -8.46 -13.47 -1.17
C ARG B 429 -7.72 -13.22 0.15
N GLU B 430 -6.54 -12.61 0.07
CA GLU B 430 -5.79 -12.28 1.28
C GLU B 430 -6.56 -11.29 2.15
N ARG B 431 -7.14 -10.26 1.53
CA ARG B 431 -7.93 -9.30 2.30
C ARG B 431 -9.15 -9.95 2.94
N LEU B 432 -9.81 -10.85 2.20
CA LEU B 432 -10.98 -11.54 2.74
C LEU B 432 -10.62 -12.43 3.91
N ILE B 433 -9.53 -13.19 3.80
CA ILE B 433 -9.15 -14.07 4.90
C ILE B 433 -8.63 -13.26 6.08
N HIS B 434 -8.05 -12.08 5.83
CA HIS B 434 -7.65 -11.23 6.93
C HIS B 434 -8.86 -10.58 7.61
N SER B 435 -9.94 -10.38 6.87
CA SER B 435 -11.16 -9.80 7.42
C SER B 435 -11.80 -10.74 8.44
N SER C 6 -21.91 26.47 9.12
CA SER C 6 -20.98 27.55 9.39
C SER C 6 -20.17 27.91 8.15
N ALA C 7 -20.12 29.21 7.84
CA ALA C 7 -19.40 29.67 6.66
C ALA C 7 -17.89 29.47 6.82
N GLU C 8 -17.36 29.72 8.01
CA GLU C 8 -15.91 29.67 8.22
C GLU C 8 -15.36 28.26 8.00
N ASP C 9 -16.07 27.24 8.49
CA ASP C 9 -15.64 25.87 8.27
C ASP C 9 -15.77 25.47 6.80
N LYS C 10 -16.79 26.01 6.13
CA LYS C 10 -16.97 25.69 4.71
C LYS C 10 -15.79 26.17 3.87
N ALA C 11 -15.28 27.36 4.17
CA ALA C 11 -14.10 27.85 3.46
C ALA C 11 -12.89 26.95 3.73
N ALA C 12 -12.70 26.54 4.98
CA ALA C 12 -11.63 25.61 5.30
C ALA C 12 -11.87 24.26 4.64
N ALA C 13 -13.10 23.78 4.64
CA ALA C 13 -13.42 22.51 3.99
C ALA C 13 -13.21 22.59 2.49
N GLU C 14 -13.55 23.73 1.88
CA GLU C 14 -13.35 23.89 0.45
C GLU C 14 -11.88 23.84 0.08
N ARG C 15 -11.00 24.33 0.96
CA ARG C 15 -9.57 24.23 0.72
C ARG C 15 -9.11 22.78 0.70
N SER C 16 -9.66 21.96 1.60
CA SER C 16 -9.30 20.54 1.62
C SER C 16 -9.72 19.84 0.33
N LYS C 17 -10.91 20.16 -0.18
CA LYS C 17 -11.35 19.57 -1.44
C LYS C 17 -10.46 19.99 -2.60
N MET C 18 -10.06 21.26 -2.63
CA MET C 18 -9.12 21.72 -3.65
C MET C 18 -7.77 21.03 -3.50
N ILE C 19 -7.30 20.86 -2.26
CA ILE C 19 -6.07 20.13 -2.03
C ILE C 19 -6.24 18.65 -2.39
N ASP C 20 -7.40 18.07 -2.06
CA ASP C 20 -7.66 16.68 -2.43
C ASP C 20 -7.66 16.50 -3.93
N LYS C 21 -8.20 17.47 -4.66
CA LYS C 21 -8.18 17.39 -6.13
C LYS C 21 -6.77 17.41 -6.67
N ASN C 22 -5.90 18.26 -6.11
CA ASN C 22 -4.52 18.32 -6.57
C ASN C 22 -3.75 17.05 -6.21
N LEU C 23 -4.06 16.44 -5.07
CA LEU C 23 -3.35 15.24 -4.65
C LEU C 23 -3.59 14.08 -5.61
N ARG C 24 -4.84 13.89 -6.05
CA ARG C 24 -5.12 12.76 -6.94
C ARG C 24 -4.59 13.01 -8.35
N GLU C 25 -4.59 14.26 -8.82
CA GLU C 25 -3.99 14.55 -10.11
C GLU C 25 -2.48 14.33 -10.07
N ASP C 26 -1.82 14.74 -8.99
CA ASP C 26 -0.39 14.47 -8.84
C ASP C 26 -0.12 12.99 -8.63
N GLY C 27 -1.02 12.28 -7.94
CA GLY C 27 -0.85 10.85 -7.76
C GLY C 27 -0.94 10.10 -9.07
N GLU C 28 -1.78 10.56 -9.99
CA GLU C 28 -1.86 9.95 -11.32
C GLU C 28 -0.54 10.12 -12.06
N LYS C 29 0.06 11.31 -11.98
CA LYS C 29 1.35 11.54 -12.61
C LYS C 29 2.47 10.73 -11.93
N ALA C 30 2.37 10.54 -10.61
CA ALA C 30 3.38 9.77 -9.92
C ALA C 30 3.22 8.27 -10.18
N ALA C 31 2.02 7.81 -10.48
CA ALA C 31 1.76 6.40 -10.72
C ALA C 31 1.92 6.00 -12.19
N ARG C 32 2.11 6.96 -13.09
CA ARG C 32 2.29 6.66 -14.51
C ARG C 32 3.76 6.62 -14.91
N GLU C 33 4.67 6.75 -13.95
CA GLU C 33 6.10 6.72 -14.21
C GLU C 33 6.71 5.46 -13.62
N VAL C 34 7.69 4.90 -14.32
CA VAL C 34 8.34 3.66 -13.90
C VAL C 34 9.46 4.00 -12.93
N LYS C 35 9.45 3.35 -11.77
CA LYS C 35 10.44 3.57 -10.73
C LYS C 35 11.45 2.42 -10.76
N LEU C 36 12.73 2.76 -10.89
CA LEU C 36 13.80 1.77 -10.99
C LEU C 36 14.89 2.08 -9.97
N LEU C 37 15.42 1.03 -9.36
CA LEU C 37 16.46 1.14 -8.34
C LEU C 37 17.72 0.47 -8.84
N LEU C 38 18.86 1.13 -8.65
CA LEU C 38 20.16 0.62 -9.04
C LEU C 38 20.96 0.21 -7.81
N LEU C 39 21.61 -0.95 -7.90
CA LEU C 39 22.43 -1.48 -6.82
C LEU C 39 23.72 -2.06 -7.40
N GLY C 40 24.74 -2.09 -6.57
CA GLY C 40 26.03 -2.61 -6.99
C GLY C 40 27.09 -1.53 -7.13
N ALA C 41 27.96 -1.41 -6.14
CA ALA C 41 29.02 -0.41 -6.14
C ALA C 41 30.36 -1.06 -6.46
N GLY C 42 31.40 -0.23 -6.50
CA GLY C 42 32.74 -0.70 -6.78
C GLY C 42 33.06 -0.74 -8.26
N GLU C 43 32.76 0.37 -8.95
CA GLU C 43 33.00 0.50 -10.39
C GLU C 43 32.31 -0.63 -11.16
N SER C 44 31.06 -0.90 -10.78
CA SER C 44 30.28 -1.97 -11.40
C SER C 44 29.57 -1.52 -12.68
N GLY C 45 29.69 -0.26 -13.07
CA GLY C 45 29.06 0.25 -14.26
C GLY C 45 27.77 1.00 -14.05
N LYS C 46 27.42 1.34 -12.81
CA LYS C 46 26.21 2.10 -12.56
C LYS C 46 26.28 3.48 -13.21
N ASN C 47 27.43 4.15 -13.10
CA ASN C 47 27.59 5.45 -13.73
C ASN C 47 27.56 5.34 -15.24
N THR C 48 28.10 4.25 -15.79
CA THR C 48 28.09 4.06 -17.24
C THR C 48 26.66 3.90 -17.76
N ILE C 49 25.82 3.16 -17.04
CA ILE C 49 24.47 2.84 -17.54
C ILE C 49 23.64 4.11 -17.71
N VAL C 50 23.67 5.00 -16.71
CA VAL C 50 22.79 6.16 -16.72
C VAL C 50 23.14 7.10 -17.87
N LYS C 51 24.38 7.04 -18.37
CA LYS C 51 24.82 7.99 -19.40
C LYS C 51 23.99 7.86 -20.67
N GLN C 52 23.72 6.62 -21.11
CA GLN C 52 22.93 6.43 -22.32
C GLN C 52 21.46 6.78 -22.12
N MET C 53 21.00 6.78 -20.87
CA MET C 53 19.59 7.00 -20.54
C MET C 53 19.43 8.20 -19.60
N LYS C 54 20.15 9.27 -19.89
CA LYS C 54 20.05 10.53 -19.15
C LYS C 54 19.61 11.66 -20.08
N ILE C 55 18.62 11.39 -20.92
CA ILE C 55 18.16 12.38 -21.88
C ILE C 55 17.54 13.58 -21.16
N ILE C 56 16.72 13.32 -20.15
CA ILE C 56 16.09 14.39 -19.39
C ILE C 56 16.40 14.23 -17.91
N GLY C 184 22.81 12.25 -1.69
CA GLY C 184 21.54 11.56 -1.59
C GLY C 184 21.25 10.68 -2.79
N ILE C 185 19.97 10.40 -3.02
CA ILE C 185 19.58 9.60 -4.16
C ILE C 185 19.67 10.44 -5.43
N VAL C 186 20.39 9.93 -6.43
CA VAL C 186 20.50 10.59 -7.72
C VAL C 186 19.28 10.18 -8.54
N GLU C 187 18.36 11.13 -8.74
CA GLU C 187 17.10 10.87 -9.43
C GLU C 187 17.17 11.44 -10.84
N THR C 188 16.98 10.58 -11.83
CA THR C 188 16.89 10.99 -13.23
C THR C 188 15.58 10.49 -13.82
N HIS C 189 14.95 11.33 -14.64
CA HIS C 189 13.66 11.03 -15.23
C HIS C 189 13.75 11.22 -16.73
N PHE C 190 13.56 10.14 -17.49
CA PHE C 190 13.59 10.18 -18.94
C PHE C 190 12.39 9.41 -19.48
N THR C 191 11.93 9.82 -20.66
CA THR C 191 10.79 9.20 -21.32
C THR C 191 11.28 8.51 -22.60
N PHE C 192 10.99 7.22 -22.70
CA PHE C 192 11.35 6.43 -23.87
C PHE C 192 10.11 5.71 -24.38
N LYS C 193 9.80 5.92 -25.67
CA LYS C 193 8.64 5.30 -26.31
C LYS C 193 7.35 5.60 -25.53
N ASP C 194 7.19 6.88 -25.18
CA ASP C 194 6.00 7.39 -24.48
C ASP C 194 5.82 6.77 -23.10
N LEU C 195 6.87 6.18 -22.55
CA LEU C 195 6.85 5.62 -21.20
C LEU C 195 7.86 6.37 -20.34
N HIS C 196 7.40 6.88 -19.21
CA HIS C 196 8.24 7.67 -18.32
C HIS C 196 8.91 6.77 -17.29
N PHE C 197 10.24 6.88 -17.19
CA PHE C 197 11.02 6.18 -16.20
C PHE C 197 11.55 7.16 -15.17
N LYS C 198 11.75 6.68 -13.94
CA LYS C 198 12.28 7.48 -12.86
C LYS C 198 13.29 6.63 -12.09
N MET C 199 14.56 6.79 -12.44
CA MET C 199 15.63 5.97 -11.90
C MET C 199 16.17 6.57 -10.60
N PHE C 200 16.58 5.69 -9.70
CA PHE C 200 17.11 6.07 -8.40
C PHE C 200 18.46 5.41 -8.17
N ASP C 201 19.45 6.20 -7.76
CA ASP C 201 20.78 5.71 -7.45
C ASP C 201 21.06 5.89 -5.96
N VAL C 202 21.45 4.81 -5.30
CA VAL C 202 21.70 4.85 -3.86
C VAL C 202 23.18 4.55 -3.59
N GLY C 203 24.04 4.82 -4.57
CA GLY C 203 25.46 4.59 -4.37
C GLY C 203 26.06 5.47 -3.30
N ALA C 204 25.60 6.71 -3.19
CA ALA C 204 26.13 7.62 -2.17
C ALA C 204 25.73 7.22 -0.76
N GLN C 205 24.74 6.34 -0.60
CA GLN C 205 24.28 5.91 0.71
C GLN C 205 25.29 4.89 1.25
N ARG C 206 26.18 5.34 2.12
CA ARG C 206 27.22 4.49 2.69
C ARG C 206 26.81 3.88 4.03
N SER C 207 25.58 4.09 4.47
CA SER C 207 25.11 3.58 5.74
C SER C 207 24.54 2.17 5.54
N GLU C 208 23.89 1.64 6.56
CA GLU C 208 23.31 0.30 6.48
C GLU C 208 22.19 0.27 5.46
N ARG C 209 22.24 -0.71 4.55
CA ARG C 209 21.25 -0.78 3.49
C ARG C 209 19.88 -1.19 4.01
N LYS C 210 19.84 -2.15 4.94
CA LYS C 210 18.57 -2.71 5.39
C LYS C 210 17.73 -1.72 6.18
N LYS C 211 18.33 -0.63 6.67
CA LYS C 211 17.56 0.35 7.42
C LYS C 211 16.65 1.18 6.51
N TRP C 212 17.03 1.33 5.24
CA TRP C 212 16.24 2.11 4.30
C TRP C 212 15.88 1.34 3.03
N ILE C 213 16.24 0.06 2.93
CA ILE C 213 15.92 -0.70 1.72
C ILE C 213 14.42 -0.94 1.58
N HIS C 214 13.66 -0.88 2.69
CA HIS C 214 12.22 -1.03 2.62
C HIS C 214 11.54 0.17 1.98
N CYS C 215 12.24 1.29 1.82
CA CYS C 215 11.65 2.47 1.21
C CYS C 215 11.31 2.24 -0.26
N PHE C 216 12.00 1.30 -0.90
CA PHE C 216 11.82 1.02 -2.33
C PHE C 216 10.89 -0.15 -2.58
N GLU C 217 10.20 -0.64 -1.54
CA GLU C 217 9.22 -1.69 -1.71
C GLU C 217 8.08 -1.23 -2.61
N GLY C 218 7.95 -1.83 -3.79
CA GLY C 218 6.95 -1.43 -4.75
C GLY C 218 7.49 -0.87 -6.04
N VAL C 219 8.81 -0.82 -6.24
CA VAL C 219 9.36 -0.34 -7.50
C VAL C 219 9.06 -1.36 -8.60
N THR C 220 8.98 -0.86 -9.84
CA THR C 220 8.67 -1.73 -10.97
C THR C 220 9.74 -2.80 -11.16
N ALA C 221 11.00 -2.40 -11.10
CA ALA C 221 12.10 -3.34 -11.27
C ALA C 221 13.35 -2.77 -10.62
N ILE C 222 14.32 -3.66 -10.39
CA ILE C 222 15.62 -3.30 -9.83
C ILE C 222 16.67 -3.55 -10.89
N ILE C 223 17.41 -2.50 -11.26
CA ILE C 223 18.46 -2.61 -12.27
C ILE C 223 19.77 -2.83 -11.54
N PHE C 224 20.26 -4.07 -11.55
CA PHE C 224 21.50 -4.44 -10.89
C PHE C 224 22.64 -4.40 -11.90
N CYS C 225 23.72 -3.72 -11.53
CA CYS C 225 24.88 -3.55 -12.38
C CYS C 225 26.05 -4.35 -11.84
N VAL C 226 26.63 -5.20 -12.68
CA VAL C 226 27.78 -6.02 -12.33
C VAL C 226 28.87 -5.82 -13.36
N ALA C 227 30.09 -5.59 -12.90
CA ALA C 227 31.23 -5.47 -13.80
C ALA C 227 31.70 -6.87 -14.18
N LEU C 228 31.64 -7.17 -15.47
CA LEU C 228 32.06 -8.50 -15.94
C LEU C 228 33.54 -8.71 -15.69
N SER C 229 34.37 -7.70 -15.92
CA SER C 229 35.81 -7.79 -15.68
C SER C 229 36.14 -7.37 -14.25
N ALA C 230 35.63 -8.17 -13.30
CA ALA C 230 35.88 -7.91 -11.88
C ALA C 230 36.26 -9.17 -11.12
N TYR C 231 36.34 -10.33 -11.75
CA TYR C 231 36.74 -11.55 -11.05
C TYR C 231 38.17 -11.46 -10.55
N ASP C 232 39.07 -10.92 -11.37
CA ASP C 232 40.46 -10.74 -10.94
C ASP C 232 40.61 -9.55 -10.01
N LEU C 233 39.85 -8.49 -10.23
CA LEU C 233 39.93 -7.30 -9.40
C LEU C 233 39.45 -7.59 -7.98
N VAL C 234 40.05 -6.89 -7.02
CA VAL C 234 39.73 -7.06 -5.61
C VAL C 234 39.32 -5.72 -5.05
N LEU C 235 38.38 -5.74 -4.10
CA LEU C 235 37.87 -4.52 -3.50
C LEU C 235 38.99 -3.74 -2.82
N ALA C 236 38.93 -2.41 -2.94
CA ALA C 236 39.93 -1.57 -2.30
C ALA C 236 39.82 -1.62 -0.77
N GLU C 237 38.59 -1.67 -0.25
CA GLU C 237 38.40 -1.67 1.19
C GLU C 237 38.99 -2.93 1.83
N ASP C 238 38.72 -4.09 1.25
CA ASP C 238 39.22 -5.36 1.76
C ASP C 238 39.96 -6.07 0.64
N GLU C 239 41.23 -6.37 0.87
CA GLU C 239 42.06 -7.03 -0.13
C GLU C 239 42.06 -8.54 -0.01
N GLU C 240 41.34 -9.10 0.96
CA GLU C 240 41.27 -10.54 1.15
C GLU C 240 39.96 -11.14 0.64
N MET C 241 39.03 -10.33 0.16
CA MET C 241 37.74 -10.81 -0.32
C MET C 241 37.56 -10.34 -1.76
N ASN C 242 37.21 -11.27 -2.64
CA ASN C 242 37.13 -10.97 -4.07
C ASN C 242 36.00 -10.00 -4.36
N ARG C 243 36.24 -9.09 -5.31
CA ARG C 243 35.21 -8.13 -5.70
C ARG C 243 34.01 -8.82 -6.33
N MET C 244 34.25 -9.81 -7.19
CA MET C 244 33.15 -10.50 -7.86
C MET C 244 32.26 -11.23 -6.86
N HIS C 245 32.85 -11.87 -5.85
CA HIS C 245 32.06 -12.53 -4.82
C HIS C 245 31.22 -11.53 -4.04
N ALA C 246 31.74 -10.31 -3.84
CA ALA C 246 30.97 -9.30 -3.14
C ALA C 246 29.72 -8.91 -3.91
N SER C 247 29.82 -8.86 -5.24
CA SER C 247 28.65 -8.54 -6.07
C SER C 247 27.57 -9.59 -5.91
N MET C 248 27.94 -10.86 -5.88
CA MET C 248 26.95 -11.93 -5.72
C MET C 248 26.31 -11.87 -4.33
N LYS C 249 27.08 -11.56 -3.30
CA LYS C 249 26.53 -11.47 -1.95
C LYS C 249 25.48 -10.37 -1.86
N LEU C 250 25.76 -9.20 -2.46
CA LEU C 250 24.77 -8.13 -2.48
C LEU C 250 23.59 -8.49 -3.38
N PHE C 251 23.87 -9.13 -4.52
CA PHE C 251 22.78 -9.57 -5.40
C PHE C 251 21.91 -10.63 -4.72
N ASP C 252 22.54 -11.55 -3.99
CA ASP C 252 21.77 -12.56 -3.29
C ASP C 252 20.97 -11.97 -2.13
N SER C 253 21.50 -10.92 -1.49
CA SER C 253 20.79 -10.30 -0.38
C SER C 253 19.48 -9.67 -0.83
N ILE C 254 19.50 -8.98 -1.98
CA ILE C 254 18.28 -8.34 -2.44
C ILE C 254 17.32 -9.36 -3.07
N CYS C 255 17.85 -10.45 -3.63
CA CYS C 255 16.98 -11.54 -4.06
C CYS C 255 16.28 -12.19 -2.88
N ASN C 256 17.00 -12.35 -1.77
CA ASN C 256 16.44 -12.91 -0.55
C ASN C 256 15.81 -11.85 0.34
N ASN C 257 15.81 -10.59 -0.07
CA ASN C 257 15.21 -9.53 0.72
C ASN C 257 13.70 -9.69 0.79
N LYS C 258 13.13 -9.43 1.97
CA LYS C 258 11.69 -9.56 2.14
C LYS C 258 10.91 -8.46 1.43
N TRP C 259 11.54 -7.33 1.14
CA TRP C 259 10.85 -6.22 0.49
C TRP C 259 10.82 -6.33 -1.03
N PHE C 260 11.53 -7.30 -1.61
CA PHE C 260 11.56 -7.51 -3.05
C PHE C 260 11.28 -8.97 -3.39
N THR C 261 10.26 -9.55 -2.76
CA THR C 261 9.92 -10.94 -3.02
C THR C 261 9.26 -11.13 -4.38
N ASP C 262 8.75 -10.06 -5.00
CA ASP C 262 8.05 -10.17 -6.27
C ASP C 262 8.56 -9.22 -7.34
N THR C 263 9.47 -8.31 -7.02
CA THR C 263 9.96 -7.35 -7.99
C THR C 263 11.03 -7.99 -8.88
N SER C 264 10.85 -7.89 -10.18
CA SER C 264 11.83 -8.42 -11.13
C SER C 264 13.11 -7.60 -11.08
N ILE C 265 14.22 -8.24 -11.42
CA ILE C 265 15.53 -7.61 -11.39
C ILE C 265 16.07 -7.57 -12.82
N ILE C 266 16.36 -6.37 -13.31
CA ILE C 266 16.94 -6.18 -14.64
C ILE C 266 18.46 -6.19 -14.44
N LEU C 267 19.05 -7.38 -14.41
CA LEU C 267 20.48 -7.50 -14.19
C LEU C 267 21.25 -7.04 -15.41
N PHE C 268 22.27 -6.21 -15.18
CA PHE C 268 23.13 -5.69 -16.24
C PHE C 268 24.56 -6.11 -15.98
N LEU C 269 25.20 -6.72 -16.98
CA LEU C 269 26.60 -7.12 -16.90
C LEU C 269 27.39 -6.15 -17.77
N ASN C 270 28.08 -5.21 -17.10
CA ASN C 270 28.76 -4.13 -17.79
C ASN C 270 30.19 -4.53 -18.17
N LYS C 271 30.83 -3.66 -18.95
CA LYS C 271 32.23 -3.81 -19.35
C LYS C 271 32.47 -5.14 -20.07
N LYS C 272 31.56 -5.48 -20.99
CA LYS C 272 31.73 -6.70 -21.77
C LYS C 272 32.88 -6.55 -22.78
N ASP C 273 33.09 -5.35 -23.30
CA ASP C 273 34.22 -5.12 -24.20
C ASP C 273 35.55 -5.28 -23.47
N LEU C 274 35.63 -4.78 -22.24
CA LEU C 274 36.84 -4.97 -21.44
C LEU C 274 36.97 -6.42 -20.97
N PHE C 275 35.84 -7.12 -20.85
CA PHE C 275 35.87 -8.50 -20.38
C PHE C 275 36.33 -9.48 -21.47
N GLU C 276 36.00 -9.22 -22.73
CA GLU C 276 36.33 -10.16 -23.80
C GLU C 276 37.84 -10.23 -24.05
N GLU C 277 38.60 -9.22 -23.66
CA GLU C 277 40.05 -9.27 -23.80
C GLU C 277 40.77 -9.70 -22.53
N LYS C 278 40.18 -9.46 -21.37
CA LYS C 278 40.76 -9.90 -20.11
C LYS C 278 40.51 -11.38 -19.84
N ILE C 279 39.56 -12.00 -20.55
CA ILE C 279 39.21 -13.39 -20.29
C ILE C 279 40.38 -14.31 -20.65
N THR C 280 41.12 -13.98 -21.70
CA THR C 280 42.22 -14.83 -22.13
C THR C 280 43.39 -14.78 -21.15
N HIS C 281 43.67 -13.60 -20.59
CA HIS C 281 44.83 -13.46 -19.71
C HIS C 281 44.59 -14.14 -18.37
N SER C 282 43.41 -13.96 -17.77
CA SER C 282 43.11 -14.49 -16.46
C SER C 282 41.90 -15.41 -16.53
N PRO C 283 41.99 -16.64 -16.05
CA PRO C 283 40.84 -17.55 -16.07
C PRO C 283 39.94 -17.30 -14.86
N LEU C 284 38.88 -18.11 -14.77
CA LEU C 284 37.90 -18.00 -13.70
C LEU C 284 38.32 -18.77 -12.45
N THR C 285 39.46 -19.45 -12.46
CA THR C 285 39.88 -20.23 -11.30
C THR C 285 40.09 -19.35 -10.08
N ILE C 286 40.43 -18.07 -10.29
CA ILE C 286 40.59 -17.15 -9.16
C ILE C 286 39.26 -16.96 -8.44
N CYS C 287 38.18 -16.79 -9.20
CA CYS C 287 36.85 -16.56 -8.63
C CYS C 287 36.03 -17.84 -8.52
N PHE C 288 35.89 -18.59 -9.61
CA PHE C 288 35.10 -19.82 -9.61
C PHE C 288 36.01 -21.01 -9.88
N PRO C 289 36.46 -21.72 -8.84
CA PRO C 289 37.27 -22.93 -9.08
C PRO C 289 36.52 -24.01 -9.85
N GLU C 290 35.20 -24.09 -9.70
CA GLU C 290 34.41 -25.12 -10.35
C GLU C 290 34.03 -24.73 -11.78
N TYR C 291 35.02 -24.34 -12.58
CA TYR C 291 34.80 -23.97 -13.97
C TYR C 291 35.41 -25.03 -14.88
N THR C 292 34.61 -25.53 -15.82
CA THR C 292 35.08 -26.61 -16.69
C THR C 292 36.21 -26.14 -17.60
N GLY C 293 36.06 -24.97 -18.19
CA GLY C 293 37.05 -24.45 -19.10
C GLY C 293 36.39 -23.55 -20.15
N ALA C 294 36.90 -23.64 -21.38
CA ALA C 294 36.41 -22.85 -22.51
C ALA C 294 36.48 -21.36 -22.21
N ASN C 295 37.72 -20.88 -22.06
CA ASN C 295 37.98 -19.48 -21.72
C ASN C 295 37.71 -18.60 -22.93
N LYS C 296 36.43 -18.35 -23.18
CA LYS C 296 35.99 -17.48 -24.27
C LYS C 296 34.90 -16.56 -23.74
N TYR C 297 34.67 -15.48 -24.49
CA TYR C 297 33.67 -14.50 -24.07
C TYR C 297 32.28 -15.10 -24.02
N ASP C 298 31.93 -15.91 -25.04
CA ASP C 298 30.59 -16.49 -25.07
C ASP C 298 30.37 -17.48 -23.93
N GLU C 299 31.36 -18.33 -23.66
CA GLU C 299 31.19 -19.35 -22.63
C GLU C 299 31.24 -18.76 -21.23
N ALA C 300 32.19 -17.85 -20.98
CA ALA C 300 32.36 -17.31 -19.64
C ALA C 300 31.22 -16.39 -19.24
N ALA C 301 30.74 -15.57 -20.17
CA ALA C 301 29.63 -14.67 -19.85
C ALA C 301 28.37 -15.44 -19.49
N SER C 302 28.09 -16.52 -20.22
CA SER C 302 26.93 -17.35 -19.92
C SER C 302 27.05 -17.99 -18.53
N TYR C 303 28.25 -18.47 -18.19
CA TYR C 303 28.47 -19.06 -16.87
C TYR C 303 28.29 -18.02 -15.77
N ILE C 304 28.83 -16.82 -15.99
CA ILE C 304 28.65 -15.74 -15.01
C ILE C 304 27.18 -15.35 -14.90
N GLN C 305 26.50 -15.23 -16.05
CA GLN C 305 25.08 -14.90 -16.03
C GLN C 305 24.27 -15.99 -15.35
N SER C 306 24.59 -17.25 -15.62
CA SER C 306 23.85 -18.35 -15.00
C SER C 306 24.09 -18.39 -13.50
N LYS C 307 25.31 -18.06 -13.06
CA LYS C 307 25.62 -18.07 -11.64
C LYS C 307 24.77 -17.06 -10.88
N PHE C 308 24.59 -15.86 -11.44
CA PHE C 308 23.75 -14.86 -10.80
C PHE C 308 22.29 -15.29 -10.73
N GLU C 309 21.79 -15.92 -11.80
CA GLU C 309 20.41 -16.36 -11.82
C GLU C 309 20.16 -17.47 -10.81
N ASP C 310 21.16 -18.29 -10.52
CA ASP C 310 21.01 -19.35 -9.53
C ASP C 310 20.81 -18.80 -8.12
N LEU C 311 21.22 -17.56 -7.87
CA LEU C 311 21.02 -16.94 -6.56
C LEU C 311 19.57 -16.56 -6.31
N ASN C 312 18.72 -16.55 -7.34
CA ASN C 312 17.32 -16.18 -7.21
C ASN C 312 16.55 -17.35 -6.62
N LYS C 313 16.41 -17.34 -5.30
CA LYS C 313 15.73 -18.45 -4.61
C LYS C 313 14.21 -18.39 -4.75
N ARG C 314 13.65 -17.21 -5.04
CA ARG C 314 12.22 -17.08 -5.28
C ARG C 314 11.93 -17.15 -6.78
N LYS C 315 12.02 -18.37 -7.30
CA LYS C 315 11.69 -18.62 -8.69
C LYS C 315 10.17 -18.66 -8.88
N ASP C 316 9.76 -18.56 -10.14
CA ASP C 316 8.37 -18.50 -10.60
C ASP C 316 7.65 -17.22 -10.19
N THR C 317 8.32 -16.32 -9.46
CA THR C 317 7.74 -15.03 -9.11
C THR C 317 8.63 -13.84 -9.42
N LYS C 318 9.95 -14.04 -9.52
CA LYS C 318 10.87 -12.99 -9.92
C LYS C 318 11.63 -13.44 -11.16
N GLU C 319 11.62 -12.62 -12.20
CA GLU C 319 12.30 -12.91 -13.45
C GLU C 319 13.49 -11.98 -13.61
N ILE C 320 14.67 -12.57 -13.80
CA ILE C 320 15.90 -11.80 -13.95
C ILE C 320 16.14 -11.56 -15.43
N TYR C 321 16.16 -10.28 -15.83
CA TYR C 321 16.37 -9.89 -17.22
C TYR C 321 17.84 -9.53 -17.39
N THR C 322 18.67 -10.57 -17.50
CA THR C 322 20.11 -10.36 -17.67
C THR C 322 20.41 -9.82 -19.06
N HIS C 323 21.34 -8.87 -19.13
CA HIS C 323 21.73 -8.26 -20.40
C HIS C 323 23.18 -7.85 -20.32
N PHE C 324 23.79 -7.69 -21.50
CA PHE C 324 25.15 -7.21 -21.63
C PHE C 324 25.12 -5.77 -22.11
N THR C 325 25.87 -4.90 -21.43
CA THR C 325 25.88 -3.48 -21.74
C THR C 325 26.47 -3.25 -23.12
N CYS C 326 25.62 -2.95 -24.09
CA CYS C 326 26.06 -2.72 -25.47
C CYS C 326 26.29 -1.25 -25.70
N SER C 327 27.31 -0.93 -26.50
CA SER C 327 27.63 0.45 -26.83
C SER C 327 26.80 1.00 -27.98
N THR C 328 25.94 0.16 -28.60
CA THR C 328 25.10 0.63 -29.69
C THR C 328 24.03 1.58 -29.18
N ASP C 329 23.60 2.48 -30.06
CA ASP C 329 22.64 3.51 -29.68
C ASP C 329 21.24 2.92 -29.54
N THR C 330 20.56 3.30 -28.46
CA THR C 330 19.14 3.02 -28.23
C THR C 330 18.92 1.54 -27.90
N LYS C 331 19.95 0.72 -28.04
CA LYS C 331 19.82 -0.70 -27.73
C LYS C 331 19.82 -0.95 -26.23
N ASN C 332 20.60 -0.18 -25.47
CA ASN C 332 20.63 -0.36 -24.02
C ASN C 332 19.31 0.02 -23.38
N VAL C 333 18.70 1.12 -23.84
CA VAL C 333 17.43 1.56 -23.27
C VAL C 333 16.28 0.69 -23.78
N GLN C 334 16.42 0.09 -24.97
CA GLN C 334 15.36 -0.74 -25.51
C GLN C 334 15.14 -1.98 -24.64
N PHE C 335 16.22 -2.59 -24.16
CA PHE C 335 16.08 -3.75 -23.29
C PHE C 335 15.37 -3.38 -21.99
N VAL C 336 15.70 -2.22 -21.42
CA VAL C 336 15.02 -1.76 -20.22
C VAL C 336 13.54 -1.54 -20.48
N PHE C 337 13.22 -0.92 -21.61
CA PHE C 337 11.82 -0.72 -21.98
C PHE C 337 11.11 -2.05 -22.19
N ASP C 338 11.76 -3.00 -22.85
CA ASP C 338 11.16 -4.31 -23.06
C ASP C 338 11.01 -5.06 -21.73
N ALA C 339 12.01 -4.99 -20.86
CA ALA C 339 11.92 -5.67 -19.58
C ALA C 339 10.86 -5.04 -18.69
N VAL C 340 10.77 -3.71 -18.68
CA VAL C 340 9.75 -3.04 -17.88
C VAL C 340 8.36 -3.33 -18.43
N THR C 341 8.23 -3.39 -19.76
CA THR C 341 6.93 -3.71 -20.35
C THR C 341 6.45 -5.09 -19.92
N ASP C 342 7.35 -6.08 -19.90
CA ASP C 342 6.97 -7.40 -19.43
C ASP C 342 6.58 -7.39 -17.96
N VAL C 343 7.30 -6.62 -17.15
CA VAL C 343 6.96 -6.52 -15.72
C VAL C 343 5.61 -5.83 -15.55
N ILE C 344 5.33 -4.80 -16.35
CA ILE C 344 4.05 -4.10 -16.26
C ILE C 344 2.91 -5.06 -16.61
N ILE C 345 3.09 -5.88 -17.64
CA ILE C 345 2.07 -6.86 -18.00
C ILE C 345 1.85 -7.84 -16.85
N LYS C 346 2.94 -8.36 -16.28
CA LYS C 346 2.81 -9.29 -15.17
C LYS C 346 2.14 -8.63 -13.97
N ASN C 347 2.51 -7.39 -13.66
CA ASN C 347 1.88 -6.67 -12.57
C ASN C 347 0.41 -6.41 -12.85
N ASN C 348 0.07 -6.04 -14.09
CA ASN C 348 -1.32 -5.79 -14.45
C ASN C 348 -2.16 -7.05 -14.34
N LEU C 349 -1.62 -8.18 -14.79
CA LEU C 349 -2.38 -9.43 -14.74
C LEU C 349 -2.48 -9.96 -13.31
N LYS C 350 -1.48 -9.68 -12.46
CA LYS C 350 -1.56 -10.07 -11.06
C LYS C 350 -2.70 -9.34 -10.34
N ASP C 351 -2.88 -8.05 -10.64
CA ASP C 351 -3.89 -7.27 -9.95
C ASP C 351 -5.29 -7.62 -10.42
N CYS C 352 -5.45 -8.07 -11.66
CA CYS C 352 -6.75 -8.42 -12.20
C CYS C 352 -7.12 -9.87 -11.98
N GLY C 353 -6.28 -10.64 -11.30
CA GLY C 353 -6.56 -12.03 -11.02
C GLY C 353 -6.12 -13.01 -12.08
N LEU C 354 -5.59 -12.53 -13.21
CA LEU C 354 -5.14 -13.45 -14.25
C LEU C 354 -3.94 -14.26 -13.80
N PHE C 355 -3.02 -13.64 -13.04
CA PHE C 355 -1.89 -14.34 -12.46
C PHE C 355 -2.14 -14.65 -10.99
N LEU D 18 46.41 1.79 27.72
CA LEU D 18 45.13 2.36 27.31
C LEU D 18 44.10 1.26 27.10
N ARG D 19 44.50 0.22 26.35
CA ARG D 19 43.59 -0.89 26.11
C ARG D 19 43.28 -1.66 27.38
N GLN D 20 44.29 -1.86 28.23
CA GLN D 20 44.08 -2.62 29.47
C GLN D 20 43.12 -1.89 30.41
N GLU D 21 43.29 -0.58 30.56
CA GLU D 21 42.41 0.18 31.45
C GLU D 21 41.04 0.42 30.84
N ALA D 22 40.92 0.40 29.52
CA ALA D 22 39.61 0.59 28.89
C ALA D 22 38.66 -0.55 29.25
N GLU D 23 39.16 -1.79 29.25
CA GLU D 23 38.32 -2.92 29.63
C GLU D 23 37.89 -2.80 31.09
N GLN D 24 38.80 -2.39 31.97
CA GLN D 24 38.44 -2.20 33.38
C GLN D 24 37.49 -1.02 33.55
N LEU D 25 37.67 0.04 32.75
CA LEU D 25 36.77 1.18 32.81
C LEU D 25 35.35 0.78 32.43
N LYS D 26 35.20 -0.05 31.39
CA LYS D 26 33.88 -0.56 31.04
C LYS D 26 33.30 -1.42 32.15
N ASN D 27 34.15 -2.27 32.76
CA ASN D 27 33.70 -3.05 33.90
C ASN D 27 33.42 -2.18 35.12
N GLN D 28 34.11 -1.04 35.23
CA GLN D 28 33.86 -0.13 36.34
C GLN D 28 32.44 0.42 36.29
N ILE D 29 31.93 0.71 35.09
CA ILE D 29 30.55 1.14 34.95
C ILE D 29 29.60 0.05 35.42
N ARG D 30 29.86 -1.19 35.02
CA ARG D 30 29.04 -2.31 35.48
C ARG D 30 29.23 -2.54 36.97
N ASP D 31 30.46 -2.42 37.46
CA ASP D 31 30.71 -2.61 38.89
C ASP D 31 29.97 -1.57 39.73
N ALA D 32 29.99 -0.31 39.30
CA ALA D 32 29.21 0.72 39.98
C ALA D 32 27.71 0.53 39.77
N ARG D 33 27.31 -0.14 38.69
CA ARG D 33 25.90 -0.40 38.45
C ARG D 33 25.34 -1.42 39.43
N LYS D 34 26.14 -2.41 39.83
CA LYS D 34 25.67 -3.44 40.76
C LYS D 34 25.31 -2.82 42.11
N ALA D 35 26.14 -1.90 42.61
CA ALA D 35 25.83 -1.23 43.87
C ALA D 35 24.57 -0.38 43.73
N CYS D 36 24.40 0.29 42.60
CA CYS D 36 23.21 1.09 42.38
C CYS D 36 21.96 0.23 42.22
N ALA D 37 22.10 -0.96 41.63
CA ALA D 37 20.96 -1.84 41.37
C ALA D 37 20.53 -2.49 42.67
N ASP D 38 19.66 -1.82 43.41
CA ASP D 38 19.13 -2.36 44.66
C ASP D 38 17.79 -3.06 44.45
N ALA D 39 16.79 -2.34 43.94
CA ALA D 39 15.47 -2.89 43.70
C ALA D 39 14.98 -2.46 42.33
N THR D 40 14.35 -3.38 41.61
CA THR D 40 13.83 -3.09 40.28
C THR D 40 12.59 -2.22 40.37
N LEU D 41 12.27 -1.56 39.25
CA LEU D 41 11.09 -0.72 39.19
C LEU D 41 9.81 -1.55 39.35
N SER D 42 9.77 -2.73 38.73
CA SER D 42 8.58 -3.57 38.83
C SER D 42 8.37 -4.07 40.25
N GLN D 43 9.46 -4.35 40.98
CA GLN D 43 9.33 -4.87 42.34
C GLN D 43 8.69 -3.83 43.26
N ILE D 44 9.08 -2.57 43.13
CA ILE D 44 8.53 -1.53 43.99
C ILE D 44 7.08 -1.22 43.61
N THR D 45 6.75 -1.29 42.33
CA THR D 45 5.44 -0.87 41.84
C THR D 45 4.42 -2.00 41.81
N ASN D 46 4.66 -3.09 42.55
CA ASN D 46 3.67 -4.16 42.61
C ASN D 46 2.44 -3.73 43.41
N ASN D 47 2.62 -2.91 44.44
CA ASN D 47 1.53 -2.49 45.30
C ASN D 47 0.62 -1.45 44.66
N ILE D 48 1.10 -0.74 43.62
CA ILE D 48 0.29 0.30 43.01
C ILE D 48 -0.87 -0.33 42.25
N ASP D 49 -1.92 0.45 42.07
CA ASP D 49 -3.11 -0.01 41.36
C ASP D 49 -2.81 -0.15 39.88
N PRO D 50 -2.99 -1.32 39.28
CA PRO D 50 -2.72 -1.45 37.84
C PRO D 50 -3.69 -0.63 37.00
N VAL D 51 -3.21 -0.21 35.83
CA VAL D 51 -4.05 0.56 34.92
C VAL D 51 -5.22 -0.29 34.44
N GLY D 52 -4.95 -1.55 34.08
CA GLY D 52 -6.00 -2.43 33.63
C GLY D 52 -6.03 -2.61 32.12
N ARG D 53 -7.17 -2.29 31.51
CA ARG D 53 -7.34 -2.39 30.07
C ARG D 53 -7.80 -1.05 29.54
N ILE D 54 -7.15 -0.57 28.48
CA ILE D 54 -7.47 0.70 27.84
C ILE D 54 -8.11 0.40 26.50
N GLN D 55 -9.32 0.91 26.29
CA GLN D 55 -10.08 0.71 25.06
C GLN D 55 -10.02 2.01 24.25
N MET D 56 -9.14 2.04 23.25
CA MET D 56 -9.00 3.18 22.36
C MET D 56 -9.64 2.85 21.02
N ARG D 57 -10.49 3.75 20.53
CA ARG D 57 -11.17 3.58 19.26
C ARG D 57 -10.69 4.62 18.27
N THR D 58 -10.65 4.23 17.00
CA THR D 58 -10.21 5.13 15.93
C THR D 58 -11.28 6.18 15.70
N ARG D 59 -11.09 7.36 16.28
CA ARG D 59 -12.08 8.43 16.12
C ARG D 59 -12.06 8.97 14.70
N ARG D 60 -10.89 9.26 14.16
CA ARG D 60 -10.71 9.78 12.81
C ARG D 60 -9.67 8.97 12.06
N THR D 61 -9.89 8.81 10.77
CA THR D 61 -8.93 8.17 9.87
C THR D 61 -8.60 9.16 8.76
N LEU D 62 -7.34 9.57 8.69
CA LEU D 62 -6.89 10.55 7.72
C LEU D 62 -6.48 9.83 6.43
N ARG D 63 -7.33 9.92 5.42
CA ARG D 63 -7.11 9.25 4.14
C ARG D 63 -6.77 10.32 3.10
N GLY D 64 -5.50 10.68 3.03
CA GLY D 64 -5.06 11.67 2.05
C GLY D 64 -3.75 11.32 1.38
N HIS D 65 -3.12 10.24 1.81
CA HIS D 65 -1.82 9.82 1.28
C HIS D 65 -2.01 8.67 0.30
N LEU D 66 -1.09 8.58 -0.66
CA LEU D 66 -1.09 7.51 -1.65
C LEU D 66 0.16 6.65 -1.57
N ALA D 67 0.92 6.74 -0.48
CA ALA D 67 2.15 5.97 -0.32
C ALA D 67 2.36 5.68 1.16
N LYS D 68 3.39 4.88 1.45
CA LYS D 68 3.66 4.49 2.82
C LYS D 68 4.09 5.68 3.66
N ILE D 69 3.58 5.73 4.89
CA ILE D 69 3.83 6.84 5.81
C ILE D 69 4.88 6.40 6.81
N TYR D 70 5.91 7.23 7.00
CA TYR D 70 7.06 6.88 7.83
C TYR D 70 7.16 7.68 9.12
N ALA D 71 6.71 8.93 9.15
CA ALA D 71 6.84 9.73 10.35
C ALA D 71 5.76 10.80 10.40
N MET D 72 5.37 11.15 11.63
CA MET D 72 4.47 12.27 11.86
C MET D 72 4.89 12.96 13.15
N HIS D 73 4.47 14.21 13.29
CA HIS D 73 4.74 15.00 14.50
C HIS D 73 3.46 15.70 14.94
N TRP D 74 3.22 15.71 16.25
CA TRP D 74 2.06 16.36 16.82
C TRP D 74 2.37 17.82 17.14
N GLY D 75 1.40 18.69 16.84
CA GLY D 75 1.58 20.10 17.15
C GLY D 75 1.38 20.40 18.62
N THR D 76 1.91 21.55 19.04
CA THR D 76 1.74 21.99 20.42
C THR D 76 0.31 22.42 20.72
N ASP D 77 -0.45 22.82 19.70
CA ASP D 77 -1.84 23.20 19.88
C ASP D 77 -2.79 22.00 19.93
N SER D 78 -2.27 20.79 19.71
CA SER D 78 -3.06 19.56 19.73
C SER D 78 -4.16 19.55 18.67
N ARG D 79 -4.01 20.37 17.63
CA ARG D 79 -4.98 20.46 16.54
C ARG D 79 -4.39 20.11 15.19
N LEU D 80 -3.18 20.58 14.89
CA LEU D 80 -2.55 20.37 13.60
C LEU D 80 -1.39 19.39 13.74
N LEU D 81 -1.32 18.42 12.83
CA LEU D 81 -0.23 17.46 12.79
C LEU D 81 0.28 17.37 11.36
N VAL D 82 1.58 17.09 11.24
CA VAL D 82 2.24 16.97 9.94
C VAL D 82 2.51 15.49 9.69
N SER D 83 2.22 15.04 8.47
CA SER D 83 2.40 13.65 8.07
C SER D 83 3.32 13.59 6.86
N ALA D 84 4.27 12.66 6.89
CA ALA D 84 5.24 12.49 5.82
C ALA D 84 5.08 11.11 5.20
N SER D 85 4.98 11.05 3.88
CA SER D 85 4.89 9.81 3.14
C SER D 85 5.76 9.92 1.89
N GLN D 86 6.20 8.76 1.38
CA GLN D 86 7.03 8.75 0.18
C GLN D 86 6.19 8.85 -1.07
N ASP D 87 5.35 9.89 -1.15
CA ASP D 87 4.61 10.22 -2.35
C ASP D 87 5.09 11.54 -2.93
N GLY D 88 5.93 12.28 -2.21
CA GLY D 88 6.35 13.60 -2.62
C GLY D 88 5.52 14.73 -2.07
N LYS D 89 4.62 14.45 -1.12
CA LYS D 89 3.76 15.46 -0.53
C LYS D 89 3.86 15.42 0.98
N LEU D 90 3.93 16.60 1.58
CA LEU D 90 3.88 16.77 3.03
C LEU D 90 2.56 17.44 3.37
N ILE D 91 1.75 16.79 4.19
CA ILE D 91 0.38 17.20 4.45
C ILE D 91 0.24 17.64 5.90
N ILE D 92 -0.32 18.83 6.11
CA ILE D 92 -0.67 19.31 7.43
C ILE D 92 -2.13 18.92 7.70
N TRP D 93 -2.36 18.15 8.75
CA TRP D 93 -3.66 17.57 9.03
C TRP D 93 -4.33 18.32 10.18
N ASP D 94 -5.59 18.69 9.97
CA ASP D 94 -6.46 19.19 11.04
C ASP D 94 -7.14 17.98 11.66
N SER D 95 -6.54 17.46 12.72
CA SER D 95 -7.00 16.21 13.32
C SER D 95 -8.42 16.31 13.86
N TYR D 96 -8.90 17.52 14.17
CA TYR D 96 -10.24 17.66 14.71
C TYR D 96 -11.30 17.44 13.64
N THR D 97 -11.05 17.89 12.40
CA THR D 97 -12.05 17.83 11.34
C THR D 97 -11.53 17.14 10.07
N THR D 98 -10.36 16.49 10.12
CA THR D 98 -9.78 15.82 8.97
C THR D 98 -9.65 16.75 7.77
N ASN D 99 -9.17 17.96 8.02
CA ASN D 99 -8.99 18.98 6.99
C ASN D 99 -7.51 19.14 6.70
N LYS D 100 -7.18 19.22 5.42
CA LYS D 100 -5.80 19.39 4.98
C LYS D 100 -5.48 20.88 4.93
N VAL D 101 -4.69 21.34 5.91
CA VAL D 101 -4.32 22.76 5.94
C VAL D 101 -3.35 23.08 4.81
N HIS D 102 -2.35 22.24 4.59
CA HIS D 102 -1.38 22.44 3.52
C HIS D 102 -1.04 21.09 2.89
N ALA D 103 -0.57 21.16 1.65
CA ALA D 103 -0.07 20.01 0.90
C ALA D 103 1.26 20.43 0.27
N ILE D 104 2.35 20.19 0.98
CA ILE D 104 3.67 20.67 0.59
C ILE D 104 4.25 19.68 -0.42
N PRO D 105 4.50 20.09 -1.67
CA PRO D 105 5.14 19.18 -2.64
C PRO D 105 6.64 19.12 -2.41
N LEU D 106 7.09 17.98 -1.88
CA LEU D 106 8.51 17.82 -1.58
C LEU D 106 9.31 17.61 -2.86
N ARG D 107 10.50 18.23 -2.90
CA ARG D 107 11.39 18.05 -4.04
C ARG D 107 11.85 16.60 -4.17
N SER D 108 12.17 15.97 -3.04
CA SER D 108 12.56 14.56 -3.00
C SER D 108 11.45 13.77 -2.32
N SER D 109 10.92 12.77 -3.01
CA SER D 109 9.84 11.98 -2.46
C SER D 109 10.30 11.03 -1.36
N TRP D 110 11.59 10.71 -1.30
CA TRP D 110 12.11 9.77 -0.32
C TRP D 110 12.32 10.49 1.01
N VAL D 111 11.22 10.69 1.72
CA VAL D 111 11.22 11.31 3.03
C VAL D 111 10.83 10.27 4.07
N MET D 112 11.60 10.21 5.16
CA MET D 112 11.35 9.27 6.23
C MET D 112 11.14 9.92 7.59
N THR D 113 11.34 11.23 7.71
CA THR D 113 11.11 11.93 8.96
C THR D 113 10.51 13.29 8.67
N CYS D 114 9.78 13.81 9.66
CA CYS D 114 9.18 15.13 9.57
C CYS D 114 9.08 15.73 10.96
N ALA D 115 9.14 17.06 11.03
CA ALA D 115 9.09 17.77 12.30
C ALA D 115 8.13 18.94 12.18
N TYR D 116 7.60 19.35 13.32
CA TYR D 116 6.70 20.50 13.41
C TYR D 116 7.24 21.44 14.47
N ALA D 117 7.42 22.71 14.11
CA ALA D 117 8.02 23.66 15.03
C ALA D 117 7.08 23.90 16.21
N PRO D 118 7.62 24.09 17.42
CA PRO D 118 6.76 24.38 18.57
C PRO D 118 5.93 25.64 18.39
N SER D 119 6.48 26.66 17.71
CA SER D 119 5.68 27.85 17.40
C SER D 119 4.60 27.54 16.38
N GLY D 120 4.87 26.62 15.46
CA GLY D 120 3.90 26.23 14.45
C GLY D 120 4.08 26.88 13.10
N ASN D 121 5.17 27.62 12.89
CA ASN D 121 5.40 28.31 11.63
C ASN D 121 6.31 27.55 10.67
N TYR D 122 7.02 26.53 11.16
CA TYR D 122 8.00 25.81 10.35
C TYR D 122 7.76 24.31 10.45
N VAL D 123 7.95 23.61 9.33
CA VAL D 123 7.97 22.16 9.29
C VAL D 123 9.20 21.72 8.51
N ALA D 124 9.91 20.73 9.06
CA ALA D 124 11.13 20.22 8.45
C ALA D 124 10.96 18.74 8.12
N CYS D 125 11.35 18.36 6.90
CA CYS D 125 11.28 16.99 6.46
C CYS D 125 12.65 16.55 5.96
N GLY D 126 12.96 15.27 6.17
CA GLY D 126 14.23 14.72 5.75
C GLY D 126 14.12 13.26 5.41
N GLY D 127 15.06 12.78 4.61
CA GLY D 127 15.06 11.40 4.19
C GLY D 127 16.37 10.95 3.56
N LEU D 128 16.27 10.15 2.50
CA LEU D 128 17.45 9.63 1.83
C LEU D 128 18.15 10.67 0.96
N ASP D 129 17.53 11.83 0.73
CA ASP D 129 18.16 12.88 -0.05
C ASP D 129 19.28 13.59 0.71
N ASN D 130 19.46 13.28 1.99
CA ASN D 130 20.50 13.87 2.84
C ASN D 130 20.32 15.36 3.03
N ILE D 131 19.11 15.88 2.82
CA ILE D 131 18.81 17.29 2.96
C ILE D 131 17.60 17.44 3.88
N CYS D 132 17.75 18.25 4.92
CA CYS D 132 16.65 18.58 5.83
C CYS D 132 16.06 19.91 5.39
N SER D 133 14.89 19.87 4.76
CA SER D 133 14.26 21.06 4.19
C SER D 133 13.20 21.58 5.15
N ILE D 134 13.32 22.85 5.52
CA ILE D 134 12.36 23.52 6.40
C ILE D 134 11.41 24.33 5.53
N TYR D 135 10.11 24.21 5.81
CA TYR D 135 9.08 24.88 5.03
C TYR D 135 8.37 25.92 5.88
N ASN D 136 8.02 27.04 5.24
CA ASN D 136 7.34 28.13 5.91
C ASN D 136 5.84 28.02 5.65
N LEU D 137 5.07 27.81 6.72
CA LEU D 137 3.62 27.70 6.63
C LEU D 137 2.90 29.04 6.75
N LYS D 138 3.63 30.11 7.06
CA LYS D 138 3.04 31.43 7.28
C LYS D 138 3.41 32.40 6.16
N THR D 139 3.48 31.90 4.93
CA THR D 139 3.78 32.75 3.79
C THR D 139 2.65 33.73 3.52
N ARG D 140 3.01 34.97 3.20
CA ARG D 140 1.99 35.98 2.93
C ARG D 140 1.22 35.70 1.65
N GLU D 141 1.89 35.15 0.63
CA GLU D 141 1.20 34.85 -0.63
C GLU D 141 0.13 33.79 -0.43
N GLY D 142 0.41 32.77 0.36
CA GLY D 142 -0.53 31.69 0.63
C GLY D 142 -0.03 30.31 0.25
N ASN D 143 1.12 30.20 -0.43
CA ASN D 143 1.68 28.92 -0.82
C ASN D 143 2.95 28.65 -0.05
N VAL D 144 3.14 27.40 0.37
CA VAL D 144 4.31 27.03 1.15
C VAL D 144 5.54 27.02 0.26
N ARG D 145 6.60 27.68 0.71
CA ARG D 145 7.84 27.77 -0.05
C ARG D 145 8.99 27.17 0.76
N VAL D 146 10.04 26.78 0.05
CA VAL D 146 11.22 26.18 0.68
C VAL D 146 11.95 27.26 1.46
N SER D 147 11.82 27.25 2.78
CA SER D 147 12.51 28.24 3.60
C SER D 147 14.00 27.99 3.63
N ARG D 148 14.41 26.74 3.86
CA ARG D 148 15.83 26.40 3.95
C ARG D 148 16.02 24.96 3.49
N GLU D 149 17.27 24.64 3.16
CA GLU D 149 17.66 23.28 2.78
C GLU D 149 18.98 22.97 3.49
N LEU D 150 18.91 22.21 4.57
CA LEU D 150 20.07 21.92 5.39
C LEU D 150 20.88 20.80 4.73
N ALA D 151 22.05 21.17 4.20
CA ALA D 151 22.97 20.22 3.59
C ALA D 151 24.24 20.11 4.45
N GLY D 152 24.82 18.91 4.47
CA GLY D 152 26.00 18.68 5.26
C GLY D 152 26.04 17.31 5.92
N HIS D 153 24.98 16.53 5.73
CA HIS D 153 24.89 15.17 6.25
C HIS D 153 25.15 14.19 5.12
N THR D 154 26.12 13.30 5.32
CA THR D 154 26.41 12.29 4.30
C THR D 154 25.45 11.11 4.38
N GLY D 155 24.91 10.83 5.56
CA GLY D 155 23.98 9.74 5.75
C GLY D 155 22.53 10.22 5.69
N TYR D 156 21.62 9.26 5.54
CA TYR D 156 20.21 9.56 5.41
C TYR D 156 19.68 10.20 6.70
N LEU D 157 18.77 11.16 6.54
CA LEU D 157 18.14 11.80 7.69
C LEU D 157 17.08 10.87 8.26
N SER D 158 17.25 10.50 9.52
CA SER D 158 16.36 9.56 10.19
C SER D 158 15.35 10.23 11.11
N CYS D 159 15.73 11.29 11.81
CA CYS D 159 14.82 11.99 12.69
C CYS D 159 15.32 13.42 12.89
N CYS D 160 14.38 14.37 12.88
CA CYS D 160 14.68 15.78 13.12
C CYS D 160 13.66 16.34 14.12
N ARG D 161 14.16 17.10 15.08
CA ARG D 161 13.31 17.70 16.10
C ARG D 161 13.66 19.18 16.25
N PHE D 162 12.63 20.00 16.42
CA PHE D 162 12.78 21.45 16.51
C PHE D 162 12.95 21.86 17.97
N LEU D 163 14.14 22.37 18.32
CA LEU D 163 14.29 23.05 19.60
C LEU D 163 13.45 24.33 19.63
N ASP D 164 13.51 25.11 18.56
CA ASP D 164 12.74 26.33 18.41
C ASP D 164 12.72 26.69 16.93
N ASP D 165 12.25 27.90 16.62
CA ASP D 165 12.23 28.33 15.22
C ASP D 165 13.65 28.50 14.66
N ASN D 166 14.60 28.89 15.52
CA ASN D 166 15.94 29.19 15.05
C ASN D 166 16.85 27.96 15.01
N GLN D 167 16.66 27.01 15.92
CA GLN D 167 17.55 25.86 16.06
C GLN D 167 16.78 24.57 15.86
N ILE D 168 17.40 23.63 15.14
CA ILE D 168 16.85 22.30 14.92
C ILE D 168 17.97 21.28 15.05
N VAL D 169 17.66 20.13 15.67
CA VAL D 169 18.59 19.01 15.78
C VAL D 169 18.12 17.91 14.84
N THR D 170 19.04 17.39 14.03
CA THR D 170 18.73 16.37 13.05
C THR D 170 19.63 15.17 13.26
N SER D 171 19.03 13.98 13.30
CA SER D 171 19.78 12.73 13.38
C SER D 171 19.91 12.14 11.99
N SER D 172 21.09 11.64 11.67
CA SER D 172 21.40 11.15 10.33
C SER D 172 21.96 9.74 10.40
N GLY D 173 21.93 9.07 9.25
CA GLY D 173 22.46 7.72 9.12
C GLY D 173 23.97 7.64 9.04
N ASP D 174 24.66 8.78 8.99
CA ASP D 174 26.11 8.81 8.95
C ASP D 174 26.75 8.65 10.33
N THR D 175 26.01 8.13 11.30
CA THR D 175 26.40 7.80 12.66
C THR D 175 26.52 9.07 13.52
N THR D 176 26.43 10.27 12.93
CA THR D 176 26.56 11.52 13.66
C THR D 176 25.26 12.32 13.54
N CYS D 177 24.75 12.77 14.68
CA CYS D 177 23.63 13.70 14.73
C CYS D 177 24.16 15.10 15.02
N ALA D 178 23.62 16.09 14.31
CA ALA D 178 24.12 17.45 14.39
C ALA D 178 23.01 18.43 14.69
N LEU D 179 23.35 19.48 15.41
CA LEU D 179 22.44 20.59 15.67
C LEU D 179 22.62 21.66 14.60
N TRP D 180 21.50 22.19 14.12
CA TRP D 180 21.50 23.12 13.00
C TRP D 180 20.81 24.42 13.39
N ASP D 181 21.15 25.49 12.66
CA ASP D 181 20.48 26.78 12.77
C ASP D 181 19.82 27.09 11.43
N ILE D 182 18.51 27.28 11.45
CA ILE D 182 17.77 27.55 10.22
C ILE D 182 18.21 28.88 9.61
N GLU D 183 18.33 29.92 10.44
CA GLU D 183 18.74 31.23 9.94
C GLU D 183 20.16 31.18 9.37
N THR D 184 21.08 30.53 10.08
CA THR D 184 22.45 30.44 9.60
C THR D 184 22.56 29.46 8.43
N GLY D 185 21.88 28.32 8.52
CA GLY D 185 21.95 27.32 7.48
C GLY D 185 23.12 26.37 7.60
N GLN D 186 23.91 26.47 8.67
CA GLN D 186 25.09 25.63 8.87
C GLN D 186 24.98 24.92 10.21
N GLN D 187 25.77 23.85 10.36
CA GLN D 187 25.76 23.07 11.59
C GLN D 187 26.34 23.89 12.74
N THR D 188 25.51 24.14 13.75
CA THR D 188 26.00 24.82 14.95
C THR D 188 26.99 23.92 15.70
N THR D 189 26.64 22.65 15.88
CA THR D 189 27.52 21.69 16.51
C THR D 189 27.17 20.30 16.00
N THR D 190 28.12 19.38 16.14
CA THR D 190 27.96 18.00 15.69
C THR D 190 28.23 17.07 16.87
N PHE D 191 27.32 16.13 17.10
CA PHE D 191 27.43 15.17 18.18
C PHE D 191 27.96 13.86 17.64
N THR D 192 29.09 13.40 18.18
CA THR D 192 29.72 12.17 17.74
C THR D 192 29.98 11.26 18.93
N GLY D 193 30.05 9.96 18.66
CA GLY D 193 30.26 8.97 19.71
C GLY D 193 29.51 7.68 19.45
N HIS D 194 28.56 7.71 18.52
CA HIS D 194 27.82 6.53 18.16
C HIS D 194 28.69 5.58 17.34
N THR D 195 28.19 4.35 17.16
CA THR D 195 28.82 3.35 16.31
C THR D 195 27.96 3.02 15.09
N GLY D 196 26.68 2.71 15.30
CA GLY D 196 25.78 2.42 14.21
C GLY D 196 25.06 3.66 13.70
N ASP D 197 24.22 3.44 12.70
CA ASP D 197 23.45 4.54 12.12
C ASP D 197 22.36 4.99 13.08
N VAL D 198 22.27 6.31 13.28
CA VAL D 198 21.26 6.86 14.18
C VAL D 198 19.89 6.77 13.52
N MET D 199 18.90 6.27 14.26
CA MET D 199 17.56 6.05 13.72
C MET D 199 16.50 6.93 14.33
N SER D 200 16.55 7.19 15.64
CA SER D 200 15.53 7.98 16.31
C SER D 200 16.18 9.01 17.22
N LEU D 201 15.49 10.14 17.40
CA LEU D 201 15.96 11.22 18.25
C LEU D 201 14.76 11.85 18.94
N SER D 202 14.93 12.18 20.22
CA SER D 202 13.88 12.79 21.02
C SER D 202 14.44 13.99 21.76
N LEU D 203 13.62 15.03 21.92
CA LEU D 203 14.01 16.23 22.64
C LEU D 203 13.41 16.24 24.04
N ALA D 204 14.12 16.86 24.98
CA ALA D 204 13.65 17.03 26.33
C ALA D 204 12.66 18.19 26.43
N PRO D 205 11.80 18.18 27.46
CA PRO D 205 10.86 19.30 27.61
C PRO D 205 11.54 20.66 27.73
N ASP D 206 12.69 20.73 28.39
CA ASP D 206 13.44 21.98 28.51
C ASP D 206 14.39 22.21 27.34
N THR D 207 14.45 21.27 26.39
CA THR D 207 15.30 21.35 25.21
C THR D 207 16.77 21.56 25.55
N ARG D 208 17.19 21.20 26.76
CA ARG D 208 18.60 21.28 27.15
C ARG D 208 19.33 19.96 26.98
N LEU D 209 18.62 18.88 26.66
CA LEU D 209 19.22 17.57 26.47
C LEU D 209 18.44 16.82 25.40
N PHE D 210 19.09 15.83 24.80
CA PHE D 210 18.41 14.95 23.86
C PHE D 210 19.16 13.63 23.78
N VAL D 211 18.46 12.60 23.29
CA VAL D 211 19.04 11.28 23.13
C VAL D 211 18.86 10.83 21.69
N SER D 212 19.76 9.97 21.25
CA SER D 212 19.76 9.47 19.87
C SER D 212 19.88 7.95 19.90
N GLY D 213 19.00 7.28 19.17
CA GLY D 213 19.02 5.84 19.06
C GLY D 213 19.72 5.42 17.78
N ALA D 214 20.74 4.59 17.91
CA ALA D 214 21.55 4.14 16.79
C ALA D 214 21.50 2.63 16.68
N CYS D 215 22.18 2.10 15.65
CA CYS D 215 22.12 0.69 15.33
C CYS D 215 22.99 -0.18 16.23
N ASP D 216 23.85 0.41 17.04
CA ASP D 216 24.72 -0.37 17.92
C ASP D 216 24.04 -0.74 19.24
N ALA D 217 22.71 -0.69 19.30
CA ALA D 217 21.95 -1.06 20.49
C ALA D 217 22.38 -0.25 21.71
N SER D 218 22.69 1.03 21.50
CA SER D 218 23.14 1.90 22.56
C SER D 218 22.40 3.24 22.47
N ALA D 219 22.05 3.79 23.62
CA ALA D 219 21.42 5.09 23.71
C ALA D 219 22.37 6.06 24.41
N LYS D 220 22.66 7.18 23.76
CA LYS D 220 23.61 8.16 24.26
C LYS D 220 22.88 9.44 24.62
N LEU D 221 23.14 9.96 25.81
CA LEU D 221 22.56 11.22 26.26
C LEU D 221 23.48 12.36 25.82
N TRP D 222 22.91 13.32 25.08
CA TRP D 222 23.67 14.40 24.49
C TRP D 222 23.29 15.73 25.12
N ASP D 223 24.29 16.56 25.40
CA ASP D 223 24.07 17.91 25.89
C ASP D 223 24.16 18.87 24.70
N VAL D 224 23.09 19.65 24.49
CA VAL D 224 23.01 20.49 23.29
C VAL D 224 24.07 21.58 23.34
N ARG D 225 24.19 22.26 24.48
CA ARG D 225 25.16 23.34 24.61
C ARG D 225 26.59 22.82 24.56
N GLU D 226 26.90 21.79 25.34
CA GLU D 226 28.26 21.27 25.38
C GLU D 226 28.62 20.54 24.10
N GLY D 227 27.69 19.77 23.54
CA GLY D 227 27.94 19.05 22.32
C GLY D 227 28.66 17.73 22.47
N MET D 228 28.70 17.17 23.68
CA MET D 228 29.36 15.90 23.94
C MET D 228 28.41 14.95 24.63
N CYS D 229 28.69 13.65 24.51
CA CYS D 229 27.84 12.62 25.10
C CYS D 229 27.94 12.68 26.61
N ARG D 230 26.87 13.16 27.26
CA ARG D 230 26.85 13.24 28.71
C ARG D 230 26.74 11.86 29.35
N GLN D 231 26.00 10.94 28.73
CA GLN D 231 25.73 9.66 29.36
C GLN D 231 25.43 8.63 28.27
N THR D 232 25.85 7.39 28.51
CA THR D 232 25.67 6.30 27.56
C THR D 232 24.88 5.17 28.22
N PHE D 233 23.89 4.66 27.50
CA PHE D 233 23.07 3.54 27.95
C PHE D 233 23.21 2.38 26.97
N THR D 234 23.55 1.20 27.47
CA THR D 234 23.74 0.00 26.66
C THR D 234 22.95 -1.14 27.31
N GLY D 235 21.70 -1.31 26.89
CA GLY D 235 20.87 -2.38 27.43
C GLY D 235 20.14 -3.17 26.37
N HIS D 236 20.15 -2.69 25.14
CA HIS D 236 19.43 -3.33 24.05
C HIS D 236 20.30 -4.38 23.37
N GLU D 237 19.72 -5.10 22.41
CA GLU D 237 20.42 -6.16 21.70
C GLU D 237 20.33 -6.05 20.18
N SER D 238 19.52 -5.14 19.64
CA SER D 238 19.34 -5.02 18.21
C SER D 238 19.29 -3.54 17.84
N ASP D 239 18.89 -3.26 16.61
CA ASP D 239 18.85 -1.88 16.12
C ASP D 239 17.75 -1.10 16.83
N ILE D 240 18.12 0.02 17.44
CA ILE D 240 17.16 0.87 18.15
C ILE D 240 16.52 1.81 17.14
N ASN D 241 15.23 1.62 16.89
CA ASN D 241 14.50 2.42 15.92
C ASN D 241 13.65 3.52 16.56
N ALA D 242 13.43 3.47 17.87
CA ALA D 242 12.55 4.42 18.53
C ALA D 242 13.16 4.85 19.86
N ILE D 243 12.82 6.07 20.28
CA ILE D 243 13.27 6.60 21.55
C ILE D 243 12.38 7.79 21.90
N CYS D 244 12.14 7.99 23.19
CA CYS D 244 11.28 9.07 23.66
C CYS D 244 11.48 9.25 25.16
N PHE D 245 11.62 10.50 25.59
CA PHE D 245 11.78 10.80 27.01
C PHE D 245 10.47 10.62 27.77
N PHE D 246 10.61 10.38 29.07
CA PHE D 246 9.50 10.51 29.99
C PHE D 246 9.07 11.97 30.07
N PRO D 247 7.79 12.24 30.33
CA PRO D 247 7.36 13.64 30.44
C PRO D 247 8.12 14.45 31.48
N ASN D 248 8.59 13.83 32.56
CA ASN D 248 9.38 14.55 33.55
C ASN D 248 10.80 14.80 33.08
N GLY D 249 11.26 14.10 32.04
CA GLY D 249 12.59 14.31 31.49
C GLY D 249 13.70 13.58 32.18
N ASN D 250 13.41 12.82 33.24
CA ASN D 250 14.43 12.08 33.98
C ASN D 250 14.56 10.64 33.53
N ALA D 251 13.81 10.22 32.52
CA ALA D 251 13.86 8.84 32.03
C ALA D 251 13.41 8.82 30.58
N PHE D 252 13.71 7.72 29.90
CA PHE D 252 13.31 7.55 28.51
C PHE D 252 13.19 6.06 28.21
N ALA D 253 12.43 5.74 27.16
CA ALA D 253 12.25 4.39 26.69
C ALA D 253 12.66 4.30 25.23
N THR D 254 13.37 3.23 24.89
CA THR D 254 13.87 3.01 23.53
C THR D 254 13.25 1.74 22.97
N GLY D 255 12.73 1.84 21.75
CA GLY D 255 12.16 0.70 21.06
C GLY D 255 13.11 0.20 19.98
N SER D 256 13.58 -1.03 20.15
CA SER D 256 14.55 -1.62 19.24
C SER D 256 13.91 -2.74 18.44
N ASP D 257 14.73 -3.40 17.62
CA ASP D 257 14.26 -4.48 16.76
C ASP D 257 14.16 -5.82 17.47
N ASP D 258 14.55 -5.90 18.73
CA ASP D 258 14.49 -7.14 19.50
C ASP D 258 13.15 -7.34 20.19
N ALA D 259 12.13 -6.56 19.82
CA ALA D 259 10.77 -6.69 20.36
C ALA D 259 10.69 -6.38 21.86
N THR D 260 11.67 -5.66 22.39
CA THR D 260 11.67 -5.30 23.81
C THR D 260 11.80 -3.79 23.94
N CYS D 261 10.88 -3.18 24.68
CA CYS D 261 11.00 -1.79 25.09
C CYS D 261 11.74 -1.73 26.41
N ARG D 262 12.80 -0.95 26.47
CA ARG D 262 13.63 -0.84 27.67
C ARG D 262 13.57 0.59 28.18
N LEU D 263 13.37 0.75 29.48
CA LEU D 263 13.31 2.05 30.12
C LEU D 263 14.62 2.33 30.84
N PHE D 264 15.21 3.49 30.56
CA PHE D 264 16.49 3.88 31.13
C PHE D 264 16.31 5.16 31.94
N ASP D 265 16.97 5.21 33.09
CA ASP D 265 16.92 6.38 33.96
C ASP D 265 18.20 7.18 33.81
N LEU D 266 18.06 8.47 33.49
CA LEU D 266 19.23 9.33 33.32
C LEU D 266 20.01 9.46 34.64
N ARG D 267 19.30 9.60 35.75
CA ARG D 267 19.93 9.82 37.05
C ARG D 267 20.45 8.53 37.68
N ALA D 268 20.10 7.37 37.13
CA ALA D 268 20.48 6.09 37.74
C ALA D 268 21.48 5.28 36.92
N ASP D 269 21.61 5.55 35.62
CA ASP D 269 22.48 4.77 34.74
C ASP D 269 22.14 3.29 34.80
N GLN D 270 20.85 2.99 34.80
CA GLN D 270 20.36 1.64 34.94
C GLN D 270 19.26 1.36 33.92
N GLU D 271 19.10 0.07 33.61
CA GLU D 271 17.96 -0.41 32.84
C GLU D 271 16.80 -0.57 33.83
N LEU D 272 15.88 0.40 33.82
CA LEU D 272 14.84 0.44 34.84
C LEU D 272 13.95 -0.80 34.76
N MET D 273 13.43 -1.12 33.59
CA MET D 273 12.58 -2.29 33.40
C MET D 273 12.36 -2.48 31.91
N THR D 274 12.04 -3.72 31.54
CA THR D 274 11.90 -4.12 30.15
C THR D 274 10.45 -4.44 29.85
N TYR D 275 9.95 -3.92 28.73
CA TYR D 275 8.58 -4.16 28.28
C TYR D 275 8.64 -5.12 27.10
N SER D 276 8.61 -6.42 27.40
CA SER D 276 8.71 -7.47 26.39
C SER D 276 7.62 -8.50 26.61
N HIS D 277 7.20 -9.13 25.52
CA HIS D 277 6.17 -10.17 25.56
C HIS D 277 6.60 -11.33 24.67
N ASP D 278 6.10 -12.52 25.00
CA ASP D 278 6.44 -13.70 24.21
C ASP D 278 5.68 -13.72 22.88
N ASN D 279 4.47 -13.16 22.85
CA ASN D 279 3.68 -13.15 21.62
C ASN D 279 4.24 -12.20 20.56
N ILE D 280 5.14 -11.30 20.92
CA ILE D 280 5.73 -10.35 20.00
C ILE D 280 7.18 -10.71 19.76
N ILE D 281 7.57 -10.76 18.49
CA ILE D 281 8.96 -11.05 18.10
C ILE D 281 9.40 -10.02 17.08
N CYS D 282 8.45 -9.23 16.59
CA CYS D 282 8.73 -8.23 15.58
C CYS D 282 9.34 -6.98 16.21
N GLY D 283 10.02 -6.19 15.39
CA GLY D 283 10.71 -5.02 15.88
C GLY D 283 9.76 -3.89 16.24
N ILE D 284 10.35 -2.86 16.86
CA ILE D 284 9.61 -1.71 17.35
C ILE D 284 10.00 -0.50 16.51
N THR D 285 9.00 0.17 15.93
CA THR D 285 9.26 1.28 15.03
C THR D 285 9.21 2.63 15.76
N SER D 286 8.17 2.88 16.54
CA SER D 286 7.99 4.16 17.20
C SER D 286 7.44 3.95 18.61
N VAL D 287 7.96 4.73 19.56
CA VAL D 287 7.49 4.70 20.94
C VAL D 287 7.18 6.12 21.37
N SER D 288 6.30 6.24 22.37
CA SER D 288 5.94 7.54 22.92
C SER D 288 5.29 7.34 24.28
N PHE D 289 5.24 8.41 25.06
CA PHE D 289 4.62 8.40 26.37
C PHE D 289 3.40 9.30 26.39
N SER D 290 2.48 8.99 27.31
CA SER D 290 1.31 9.82 27.51
C SER D 290 1.70 11.11 28.23
N LYS D 291 0.68 11.93 28.55
CA LYS D 291 0.95 13.16 29.27
C LYS D 291 1.52 12.88 30.65
N SER D 292 0.97 11.88 31.35
CA SER D 292 1.49 11.47 32.64
C SER D 292 2.63 10.47 32.54
N GLY D 293 2.87 9.90 31.35
CA GLY D 293 3.94 8.95 31.16
C GLY D 293 3.65 7.54 31.61
N ARG D 294 2.44 7.26 32.11
CA ARG D 294 2.13 5.92 32.59
C ARG D 294 1.93 4.94 31.44
N LEU D 295 1.35 5.40 30.33
CA LEU D 295 1.05 4.56 29.18
C LEU D 295 2.13 4.74 28.13
N LEU D 296 2.93 3.69 27.91
CA LEU D 296 3.97 3.69 26.89
C LEU D 296 3.41 3.02 25.64
N LEU D 297 2.94 3.83 24.70
CA LEU D 297 2.36 3.32 23.46
C LEU D 297 3.48 3.14 22.44
N ALA D 298 3.72 1.90 22.04
CA ALA D 298 4.81 1.56 21.14
C ALA D 298 4.26 0.88 19.89
N GLY D 299 4.70 1.34 18.72
CA GLY D 299 4.37 0.66 17.49
C GLY D 299 5.23 -0.56 17.25
N TYR D 300 4.70 -1.50 16.48
CA TYR D 300 5.37 -2.76 16.22
C TYR D 300 5.21 -3.13 14.75
N ASP D 301 5.92 -4.18 14.34
CA ASP D 301 5.83 -4.68 12.97
C ASP D 301 4.77 -5.76 12.81
N ASP D 302 4.03 -6.09 13.86
CA ASP D 302 2.95 -7.06 13.78
C ASP D 302 1.63 -6.44 13.35
N PHE D 303 1.68 -5.29 12.66
CA PHE D 303 0.54 -4.61 12.06
C PHE D 303 -0.39 -3.97 13.07
N ASN D 304 0.01 -3.88 14.35
CA ASN D 304 -0.82 -3.22 15.35
C ASN D 304 0.07 -2.63 16.43
N CYS D 305 -0.49 -1.69 17.18
CA CYS D 305 0.21 -1.02 18.26
C CYS D 305 -0.22 -1.59 19.61
N ASN D 306 0.72 -1.60 20.55
CA ASN D 306 0.49 -2.14 21.88
C ASN D 306 0.71 -1.06 22.92
N VAL D 307 -0.22 -0.95 23.86
CA VAL D 307 -0.12 -0.02 24.98
C VAL D 307 0.55 -0.74 26.13
N TRP D 308 1.66 -0.21 26.62
CA TRP D 308 2.43 -0.82 27.70
C TRP D 308 2.35 0.05 28.94
N ASP D 309 2.11 -0.58 30.08
CA ASP D 309 2.17 0.12 31.36
C ASP D 309 3.63 0.39 31.71
N ALA D 310 3.99 1.67 31.80
CA ALA D 310 5.38 2.05 32.02
C ALA D 310 5.90 1.65 33.39
N LEU D 311 5.02 1.25 34.32
CA LEU D 311 5.43 0.92 35.68
C LEU D 311 5.39 -0.57 35.99
N LYS D 312 4.64 -1.37 35.24
CA LYS D 312 4.52 -2.79 35.51
C LYS D 312 4.66 -3.68 34.27
N ALA D 313 4.90 -3.09 33.10
CA ALA D 313 5.09 -3.83 31.84
C ALA D 313 3.88 -4.66 31.46
N ASP D 314 2.71 -4.35 32.01
CA ASP D 314 1.47 -5.06 31.67
C ASP D 314 0.83 -4.39 30.46
N ARG D 315 0.59 -5.17 29.42
CA ARG D 315 -0.04 -4.63 28.21
C ARG D 315 -1.45 -4.14 28.53
N ALA D 316 -1.65 -2.83 28.48
CA ALA D 316 -2.92 -2.22 28.89
C ALA D 316 -3.87 -1.99 27.73
N GLY D 317 -3.50 -2.35 26.51
CA GLY D 317 -4.39 -2.15 25.39
C GLY D 317 -3.71 -2.48 24.08
N VAL D 318 -4.52 -2.52 23.03
CA VAL D 318 -4.07 -2.81 21.68
C VAL D 318 -4.76 -1.84 20.73
N LEU D 319 -4.00 -1.34 19.74
CA LEU D 319 -4.50 -0.37 18.77
C LEU D 319 -4.56 -0.97 17.38
N ALA D 320 -5.07 -2.20 17.27
CA ALA D 320 -5.17 -2.88 15.99
C ALA D 320 -6.17 -2.18 15.08
N GLY D 321 -5.94 -2.32 13.78
CA GLY D 321 -6.79 -1.70 12.78
C GLY D 321 -6.02 -1.19 11.58
N HIS D 322 -4.70 -1.15 11.69
CA HIS D 322 -3.86 -0.69 10.59
C HIS D 322 -3.67 -1.82 9.58
N ASP D 323 -3.90 -1.51 8.31
CA ASP D 323 -3.79 -2.52 7.26
C ASP D 323 -2.34 -2.95 7.05
N ASN D 324 -1.39 -2.04 7.17
CA ASN D 324 0.02 -2.32 6.96
C ASN D 324 0.81 -2.06 8.25
N ARG D 325 2.13 -2.13 8.15
CA ARG D 325 2.98 -1.95 9.31
C ARG D 325 2.93 -0.51 9.80
N VAL D 326 2.73 -0.34 11.10
CA VAL D 326 2.73 1.00 11.70
C VAL D 326 4.16 1.46 11.87
N SER D 327 4.45 2.69 11.43
CA SER D 327 5.79 3.24 11.47
C SER D 327 5.94 4.43 12.40
N CYS D 328 4.90 5.23 12.56
CA CYS D 328 4.96 6.42 13.39
C CYS D 328 3.80 6.43 14.39
N LEU D 329 4.10 6.84 15.62
CA LEU D 329 3.10 6.93 16.67
C LEU D 329 3.47 8.11 17.56
N GLY D 330 2.54 9.04 17.73
CA GLY D 330 2.81 10.21 18.54
C GLY D 330 1.68 10.56 19.49
N VAL D 331 2.03 10.99 20.69
CA VAL D 331 1.06 11.45 21.68
C VAL D 331 1.08 12.97 21.71
N THR D 332 -0.09 13.57 21.55
CA THR D 332 -0.18 15.03 21.56
C THR D 332 0.11 15.57 22.96
N ASP D 333 0.50 16.84 23.01
CA ASP D 333 0.92 17.44 24.27
C ASP D 333 -0.22 17.48 25.28
N ASP D 334 -1.43 17.81 24.82
CA ASP D 334 -2.59 17.85 25.72
C ASP D 334 -3.05 16.46 26.13
N GLY D 335 -2.62 15.41 25.42
CA GLY D 335 -3.07 14.07 25.71
C GLY D 335 -4.43 13.72 25.15
N MET D 336 -5.00 14.58 24.31
CA MET D 336 -6.34 14.32 23.77
C MET D 336 -6.37 13.06 22.92
N ALA D 337 -5.36 12.87 22.07
CA ALA D 337 -5.38 11.79 21.10
C ALA D 337 -3.98 11.23 20.90
N VAL D 338 -3.93 10.03 20.33
CA VAL D 338 -2.69 9.39 19.92
C VAL D 338 -2.83 9.01 18.45
N ALA D 339 -2.11 9.70 17.59
CA ALA D 339 -2.19 9.45 16.15
C ALA D 339 -1.12 8.44 15.74
N THR D 340 -1.56 7.38 15.06
CA THR D 340 -0.67 6.34 14.55
C THR D 340 -0.82 6.27 13.04
N GLY D 341 0.31 6.35 12.34
CA GLY D 341 0.34 6.25 10.89
C GLY D 341 1.07 4.99 10.47
N SER D 342 0.59 4.36 9.39
CA SER D 342 1.18 3.12 8.93
C SER D 342 1.48 3.19 7.43
N TRP D 343 1.88 2.06 6.85
CA TRP D 343 2.26 2.01 5.45
C TRP D 343 1.07 1.86 4.51
N ASP D 344 -0.15 1.77 5.03
CA ASP D 344 -1.34 1.70 4.19
C ASP D 344 -1.83 3.07 3.75
N SER D 345 -1.05 4.13 4.00
CA SER D 345 -1.36 5.50 3.59
C SER D 345 -2.58 6.07 4.31
N PHE D 346 -2.78 5.68 5.56
CA PHE D 346 -3.83 6.26 6.39
C PHE D 346 -3.27 6.55 7.78
N LEU D 347 -3.73 7.66 8.36
CA LEU D 347 -3.43 8.02 9.74
C LEU D 347 -4.69 7.84 10.57
N LYS D 348 -4.56 7.17 11.71
CA LYS D 348 -5.70 6.88 12.57
C LYS D 348 -5.56 7.66 13.88
N ILE D 349 -6.64 8.36 14.25
CA ILE D 349 -6.69 9.14 15.47
C ILE D 349 -7.36 8.29 16.54
N TRP D 350 -6.65 8.03 17.64
CA TRP D 350 -7.17 7.23 18.73
C TRP D 350 -7.43 8.10 19.95
N ASN D 351 -8.01 7.49 20.98
CA ASN D 351 -8.33 8.21 22.21
C ASN D 351 -8.46 7.24 23.38
N ALA E 12 40.04 5.16 20.30
CA ALA E 12 41.05 4.87 21.32
C ALA E 12 41.04 5.94 22.42
N ARG E 13 41.80 7.01 22.20
CA ARG E 13 41.85 8.09 23.19
C ARG E 13 40.50 8.78 23.32
N LYS E 14 39.80 9.00 22.21
CA LYS E 14 38.49 9.65 22.26
C LYS E 14 37.49 8.78 23.00
N LEU E 15 37.51 7.46 22.76
CA LEU E 15 36.59 6.56 23.45
C LEU E 15 36.86 6.53 24.94
N VAL E 16 38.14 6.53 25.33
CA VAL E 16 38.49 6.50 26.75
C VAL E 16 38.03 7.79 27.44
N GLU E 17 38.23 8.93 26.78
CA GLU E 17 37.83 10.21 27.37
C GLU E 17 36.32 10.26 27.58
N GLN E 18 35.54 9.77 26.61
CA GLN E 18 34.09 9.74 26.75
C GLN E 18 33.68 8.83 27.89
N LEU E 19 34.33 7.66 28.02
CA LEU E 19 34.00 6.75 29.10
C LEU E 19 34.31 7.36 30.47
N LYS E 20 35.43 8.07 30.58
CA LYS E 20 35.78 8.70 31.84
C LYS E 20 34.80 9.82 32.21
N MET E 21 34.29 10.54 31.21
CA MET E 21 33.34 11.62 31.49
C MET E 21 32.06 11.07 32.10
N GLU E 22 31.56 9.95 31.58
CA GLU E 22 30.33 9.36 32.11
C GLU E 22 30.57 8.55 33.38
N ALA E 23 31.82 8.21 33.69
CA ALA E 23 32.11 7.45 34.89
C ALA E 23 32.03 8.30 36.15
N ASN E 24 32.29 9.60 36.03
CA ASN E 24 32.29 10.51 37.17
C ASN E 24 30.90 11.07 37.49
N ILE E 25 29.88 10.70 36.71
CA ILE E 25 28.54 11.22 36.96
C ILE E 25 27.98 10.59 38.24
N ASP E 26 27.00 11.27 38.83
CA ASP E 26 26.35 10.82 40.05
C ASP E 26 25.23 9.85 39.70
N ARG E 27 25.37 8.60 40.14
CA ARG E 27 24.40 7.55 39.85
C ARG E 27 23.49 7.37 41.07
N ILE E 28 22.30 7.97 41.00
CA ILE E 28 21.31 7.80 42.05
C ILE E 28 20.83 6.36 42.05
N LYS E 29 20.63 5.79 43.25
CA LYS E 29 20.21 4.41 43.38
C LYS E 29 18.91 4.16 42.63
N VAL E 30 18.84 3.01 41.95
CA VAL E 30 17.69 2.71 41.12
C VAL E 30 16.41 2.60 41.95
N SER E 31 16.53 2.17 43.21
CA SER E 31 15.38 2.14 44.10
C SER E 31 14.83 3.54 44.33
N LYS E 32 15.72 4.51 44.56
CA LYS E 32 15.28 5.90 44.68
C LYS E 32 14.74 6.43 43.35
N ALA E 33 15.39 6.08 42.24
CA ALA E 33 14.92 6.52 40.93
C ALA E 33 13.56 5.91 40.61
N ALA E 34 13.37 4.63 40.94
CA ALA E 34 12.09 3.98 40.67
C ALA E 34 10.97 4.64 41.47
N ALA E 35 11.22 4.94 42.74
CA ALA E 35 10.20 5.61 43.56
C ALA E 35 9.90 7.01 43.03
N ASP E 36 10.95 7.74 42.63
CA ASP E 36 10.75 9.09 42.11
C ASP E 36 9.96 9.07 40.80
N LEU E 37 10.24 8.09 39.94
CA LEU E 37 9.52 8.00 38.67
C LEU E 37 8.04 7.71 38.88
N MET E 38 7.71 6.85 39.84
CA MET E 38 6.31 6.55 40.13
C MET E 38 5.58 7.76 40.69
N ALA E 39 6.29 8.62 41.42
CA ALA E 39 5.64 9.80 42.00
C ALA E 39 5.13 10.74 40.93
N TYR E 40 5.87 10.88 39.82
CA TYR E 40 5.42 11.76 38.74
C TYR E 40 4.14 11.25 38.11
N CYS E 41 4.04 9.92 37.91
CA CYS E 41 2.82 9.36 37.33
C CYS E 41 1.62 9.57 38.25
N GLU E 42 1.82 9.41 39.56
CA GLU E 42 0.72 9.58 40.50
C GLU E 42 0.18 11.00 40.47
N ALA E 43 1.07 11.99 40.44
CA ALA E 43 0.63 13.38 40.45
C ALA E 43 -0.10 13.75 39.16
N HIS E 44 0.38 13.28 38.02
CA HIS E 44 -0.16 13.65 36.72
C HIS E 44 -1.21 12.66 36.20
N ALA E 45 -1.56 11.63 36.98
CA ALA E 45 -2.58 10.69 36.53
C ALA E 45 -3.95 11.34 36.42
N LYS E 46 -4.19 12.40 37.21
CA LYS E 46 -5.48 13.07 37.18
C LYS E 46 -5.71 13.83 35.88
N GLU E 47 -4.64 14.16 35.15
CA GLU E 47 -4.75 14.93 33.91
C GLU E 47 -4.28 14.12 32.70
N ASP E 48 -4.43 12.80 32.75
CA ASP E 48 -4.07 11.94 31.64
C ASP E 48 -5.33 11.40 30.99
N PRO E 49 -5.77 11.96 29.84
CA PRO E 49 -6.99 11.46 29.20
C PRO E 49 -6.91 10.01 28.78
N LEU E 50 -5.73 9.53 28.37
CA LEU E 50 -5.60 8.13 27.97
C LEU E 50 -5.80 7.20 29.16
N LEU E 51 -5.21 7.53 30.31
CA LEU E 51 -5.39 6.71 31.49
C LEU E 51 -6.80 6.84 32.06
N THR E 52 -7.32 8.07 32.12
CA THR E 52 -8.67 8.33 32.61
C THR E 52 -9.50 8.94 31.47
N PRO E 53 -10.32 8.14 30.79
CA PRO E 53 -11.16 8.68 29.72
C PRO E 53 -12.08 9.78 30.25
N VAL E 54 -12.26 10.81 29.44
CA VAL E 54 -13.12 11.94 29.78
C VAL E 54 -14.37 11.88 28.91
N PRO E 55 -15.48 12.50 29.32
CA PRO E 55 -16.69 12.45 28.50
C PRO E 55 -16.48 13.10 27.13
N ALA E 56 -17.40 12.79 26.21
CA ALA E 56 -17.29 13.27 24.84
C ALA E 56 -17.34 14.79 24.74
N SER E 57 -17.92 15.47 25.72
CA SER E 57 -17.95 16.93 25.70
C SER E 57 -16.54 17.51 25.81
N GLU E 58 -15.71 16.92 26.67
CA GLU E 58 -14.34 17.41 26.83
C GLU E 58 -13.48 17.03 25.63
N ASN E 59 -13.71 15.86 25.06
CA ASN E 59 -12.91 15.41 23.92
C ASN E 59 -13.29 16.19 22.67
N PRO E 60 -12.34 16.85 22.01
CA PRO E 60 -12.66 17.44 20.69
C PRO E 60 -12.97 16.40 19.64
N PHE E 61 -12.57 15.15 19.85
CA PHE E 61 -12.85 14.07 18.91
C PHE E 61 -14.14 13.36 19.31
N ARG E 62 -15.25 14.09 19.15
CA ARG E 62 -16.59 13.60 19.45
C ARG E 62 -16.70 13.06 20.88
#